data_6TW6
#
_entry.id   6TW6
#
_cell.length_a   57.608
_cell.length_b   121.785
_cell.length_c   178.831
_cell.angle_alpha   90.000
_cell.angle_beta   90.000
_cell.angle_gamma   90.000
#
_symmetry.space_group_name_H-M   'P 21 21 21'
#
loop_
_entity.id
_entity.type
_entity.pdbx_description
1 polymer 'Glycylpeptide N-tetradecanoyltransferase'
2 non-polymer 2-oxopentadecyl-CoA
3 non-polymer [(5-{4-fluoro-2-[2-(1H-imidazol-1-yl)ethoxy]phenyl}-1H-indazol-3-yl)methyl]dimethylamine
4 non-polymer 'MAGNESIUM ION'
5 non-polymer 'SULFATE ION'
6 non-polymer 'CHLORIDE ION'
7 non-polymer 'DIMETHYL SULFOXIDE'
8 water water
#
_entity_poly.entity_id   1
_entity_poly.type   'polypeptide(L)'
_entity_poly.pdbx_seq_one_letter_code
;GPHMDYKFWYTQPVPKINDEFNESVNEPFISDNKVEDVRKDEYKLPPGYSWYVCDVKDEKDRSEIYTLLTDNYVEDDDNI
FRFNYSAEFLLWALTSPNYLKTWHIGVKYDASNKLIGFISAIPTDICIHKRTIKMAEVNFLCVHKTLRSKRLAPVLIKEI
TRRINLENIWQAIYTAGVYLPKPVSDARYYHRSINVKKLIEIGFSSLNSRLTMSRAIKLYRVEDTLNIKNMRLMKKKDVE
GVHKLLGSYLEQFNLYAVFTKEEIAHWFLPIENVIYTYVNEENGKIKDMISFYSLPSQILGNDKYSTLNAAYSFYNVTTT
ATFKQLMQDAILLAKRNNFDVFNALEVMQNKSVFEDLKFGEGDGSLKYYLYNWKCASFAPAHVGIVLL
;
_entity_poly.pdbx_strand_id   AAA,BBB,CCC
#
# COMPACT_ATOMS: atom_id res chain seq x y z
N MET A 4 2.20 -25.01 -33.66
CA MET A 4 0.74 -24.94 -33.41
C MET A 4 0.10 -23.96 -34.41
N ASP A 5 -1.02 -24.39 -34.97
CA ASP A 5 -1.80 -23.61 -35.93
C ASP A 5 -2.96 -22.91 -35.22
N TYR A 6 -3.42 -23.49 -34.11
CA TYR A 6 -4.62 -23.08 -33.40
C TYR A 6 -5.75 -22.70 -34.36
N LYS A 7 -6.22 -23.65 -35.16
CA LYS A 7 -7.23 -23.40 -36.18
C LYS A 7 -8.57 -23.04 -35.55
N PHE A 8 -8.84 -23.58 -34.33
CA PHE A 8 -10.07 -23.20 -33.64
C PHE A 8 -9.85 -21.85 -32.96
N TRP A 9 -8.79 -21.75 -32.13
CA TRP A 9 -8.62 -20.57 -31.30
C TRP A 9 -8.49 -19.28 -32.12
N TYR A 10 -7.93 -19.35 -33.33
CA TYR A 10 -7.76 -18.14 -34.12
CA TYR A 10 -7.75 -18.25 -34.28
C TYR A 10 -9.10 -17.63 -34.67
N THR A 11 -10.17 -18.44 -34.62
CA THR A 11 -11.50 -17.94 -34.99
C THR A 11 -12.20 -17.23 -33.83
N GLN A 12 -11.60 -17.26 -32.62
CA GLN A 12 -12.22 -16.73 -31.41
C GLN A 12 -11.68 -15.34 -31.09
N PRO A 13 -12.46 -14.53 -30.31
CA PRO A 13 -11.99 -13.23 -29.81
C PRO A 13 -10.99 -13.35 -28.64
N VAL A 14 -9.77 -13.83 -28.96
CA VAL A 14 -8.66 -13.93 -28.02
C VAL A 14 -7.45 -13.41 -28.78
N PRO A 15 -6.33 -13.12 -28.08
CA PRO A 15 -5.17 -12.52 -28.72
C PRO A 15 -4.54 -13.53 -29.66
N LYS A 16 -3.92 -13.05 -30.73
CA LYS A 16 -3.03 -13.90 -31.52
C LYS A 16 -1.70 -14.08 -30.77
N ILE A 17 -0.97 -15.12 -31.18
CA ILE A 17 0.22 -15.53 -30.45
C ILE A 17 1.18 -14.34 -30.27
N ASN A 18 1.17 -13.41 -31.22
CA ASN A 18 2.17 -12.35 -31.22
CA ASN A 18 2.14 -12.33 -31.31
C ASN A 18 1.62 -11.05 -30.65
N ASP A 19 0.32 -10.99 -30.31
CA ASP A 19 -0.31 -9.76 -29.85
C ASP A 19 0.28 -9.30 -28.51
N GLU A 20 0.59 -8.00 -28.40
CA GLU A 20 1.10 -7.43 -27.16
C GLU A 20 0.44 -6.07 -26.97
N PHE A 21 -0.18 -5.88 -25.79
CA PHE A 21 -0.91 -4.66 -25.52
C PHE A 21 -0.28 -3.92 -24.35
N ASN A 22 -0.27 -2.59 -24.43
CA ASN A 22 0.30 -1.85 -23.27
C ASN A 22 -0.80 -1.59 -22.23
N GLU A 23 -0.40 -1.02 -21.11
CA GLU A 23 -1.28 -0.84 -19.96
CA GLU A 23 -1.30 -0.88 -19.96
C GLU A 23 -2.44 0.11 -20.26
N SER A 24 -2.32 0.89 -21.33
CA SER A 24 -3.41 1.79 -21.69
C SER A 24 -4.60 1.05 -22.35
N VAL A 25 -4.45 -0.25 -22.66
CA VAL A 25 -5.46 -1.03 -23.36
C VAL A 25 -6.08 -2.00 -22.36
N ASN A 26 -7.41 -1.98 -22.20
CA ASN A 26 -8.08 -2.84 -21.21
C ASN A 26 -9.56 -2.85 -21.55
N GLU A 27 -9.95 -3.72 -22.49
CA GLU A 27 -11.25 -3.63 -23.14
C GLU A 27 -11.52 -4.91 -23.92
N PRO A 28 -12.80 -5.17 -24.30
CA PRO A 28 -13.12 -6.36 -25.10
C PRO A 28 -12.45 -6.32 -26.47
N PHE A 29 -12.25 -7.49 -27.08
CA PHE A 29 -11.99 -7.57 -28.52
C PHE A 29 -13.23 -7.17 -29.30
N ILE A 30 -14.40 -7.59 -28.81
CA ILE A 30 -15.65 -7.35 -29.51
C ILE A 30 -16.63 -6.76 -28.52
N SER A 31 -17.03 -5.49 -28.75
CA SER A 31 -17.94 -4.77 -27.87
CA SER A 31 -17.97 -4.83 -27.85
C SER A 31 -19.33 -4.68 -28.52
N ASP A 32 -20.30 -4.13 -27.78
CA ASP A 32 -21.65 -3.87 -28.31
C ASP A 32 -22.30 -5.18 -28.78
N ASN A 33 -22.11 -6.24 -27.99
CA ASN A 33 -22.76 -7.51 -28.26
C ASN A 33 -24.25 -7.41 -27.93
N LYS A 34 -25.08 -8.20 -28.62
CA LYS A 34 -26.52 -8.10 -28.40
C LYS A 34 -27.11 -9.48 -28.09
N VAL A 35 -27.75 -9.60 -26.90
CA VAL A 35 -28.33 -10.87 -26.51
C VAL A 35 -29.32 -11.34 -27.56
N GLU A 36 -30.05 -10.40 -28.16
CA GLU A 36 -31.10 -10.76 -29.09
CA GLU A 36 -31.11 -10.78 -29.08
C GLU A 36 -30.54 -11.49 -30.31
N ASP A 37 -29.24 -11.30 -30.61
CA ASP A 37 -28.62 -11.85 -31.81
C ASP A 37 -28.04 -13.25 -31.57
N VAL A 38 -27.93 -13.67 -30.29
CA VAL A 38 -27.26 -14.93 -29.95
C VAL A 38 -28.04 -16.09 -30.54
N ARG A 39 -27.32 -17.12 -31.01
CA ARG A 39 -27.95 -18.27 -31.65
C ARG A 39 -28.83 -18.95 -30.61
N LYS A 40 -30.03 -19.39 -31.01
CA LYS A 40 -30.91 -20.06 -30.06
C LYS A 40 -30.86 -21.57 -30.22
N ASP A 41 -30.19 -22.04 -31.26
CA ASP A 41 -30.06 -23.48 -31.56
C ASP A 41 -28.80 -24.04 -30.88
N GLU A 42 -28.90 -25.24 -30.32
CA GLU A 42 -27.71 -25.91 -29.78
C GLU A 42 -26.75 -26.25 -30.91
N TYR A 43 -25.45 -26.17 -30.62
CA TYR A 43 -24.44 -26.63 -31.57
C TYR A 43 -24.63 -28.12 -31.88
N LYS A 44 -24.32 -28.50 -33.12
CA LYS A 44 -24.51 -29.87 -33.58
CA LYS A 44 -24.51 -29.86 -33.58
C LYS A 44 -23.37 -30.74 -33.08
N LEU A 45 -23.73 -31.94 -32.59
CA LEU A 45 -22.77 -32.96 -32.19
C LEU A 45 -22.71 -34.02 -33.28
N PRO A 46 -21.67 -34.86 -33.31
CA PRO A 46 -21.64 -35.94 -34.31
C PRO A 46 -22.80 -36.90 -34.06
N PRO A 47 -23.24 -37.63 -35.10
CA PRO A 47 -24.35 -38.59 -34.96
C PRO A 47 -24.18 -39.54 -33.78
N GLY A 48 -25.25 -39.76 -33.00
CA GLY A 48 -25.25 -40.74 -31.92
C GLY A 48 -24.85 -40.15 -30.57
N TYR A 49 -24.64 -38.83 -30.54
CA TYR A 49 -24.32 -38.13 -29.31
C TYR A 49 -25.34 -37.01 -29.07
N SER A 50 -25.67 -36.74 -27.79
CA SER A 50 -26.67 -35.72 -27.47
C SER A 50 -26.23 -34.85 -26.30
N TRP A 51 -26.70 -33.60 -26.29
CA TRP A 51 -26.49 -32.78 -25.11
C TRP A 51 -27.27 -33.35 -23.93
N TYR A 52 -26.78 -33.08 -22.72
CA TYR A 52 -27.49 -33.51 -21.52
C TYR A 52 -27.37 -32.40 -20.48
N VAL A 53 -28.48 -32.00 -19.86
CA VAL A 53 -28.29 -30.99 -18.82
C VAL A 53 -28.11 -31.71 -17.48
N CYS A 54 -26.91 -31.56 -16.90
CA CYS A 54 -26.57 -32.28 -15.67
C CYS A 54 -27.18 -31.56 -14.46
N ASP A 55 -27.76 -32.35 -13.54
CA ASP A 55 -28.21 -31.76 -12.28
C ASP A 55 -27.21 -32.08 -11.17
N VAL A 56 -26.25 -31.17 -10.88
CA VAL A 56 -25.18 -31.51 -9.94
CA VAL A 56 -25.19 -31.48 -9.94
C VAL A 56 -25.73 -31.67 -8.52
N LYS A 57 -26.93 -31.17 -8.25
CA LYS A 57 -27.53 -31.41 -6.93
C LYS A 57 -28.18 -32.78 -6.81
N ASP A 58 -28.31 -33.49 -7.93
CA ASP A 58 -28.81 -34.86 -7.86
C ASP A 58 -27.60 -35.78 -7.69
N GLU A 59 -27.64 -36.63 -6.67
CA GLU A 59 -26.49 -37.46 -6.33
C GLU A 59 -26.10 -38.33 -7.53
N LYS A 60 -27.08 -38.90 -8.25
CA LYS A 60 -26.75 -39.78 -9.37
C LYS A 60 -26.12 -39.05 -10.56
N ASP A 61 -26.70 -37.91 -11.00
CA ASP A 61 -26.10 -37.12 -12.07
C ASP A 61 -24.70 -36.69 -11.63
N ARG A 62 -24.55 -36.30 -10.36
CA ARG A 62 -23.24 -35.86 -9.86
C ARG A 62 -22.23 -37.01 -9.90
N SER A 63 -22.71 -38.23 -9.61
N SER A 63 -22.70 -38.23 -9.61
CA SER A 63 -21.85 -39.41 -9.65
CA SER A 63 -21.80 -39.38 -9.65
C SER A 63 -21.36 -39.68 -11.08
C SER A 63 -21.35 -39.69 -11.09
N GLU A 64 -22.20 -39.38 -12.07
CA GLU A 64 -21.81 -39.57 -13.47
CA GLU A 64 -21.79 -39.58 -13.45
C GLU A 64 -20.66 -38.63 -13.84
N ILE A 65 -20.75 -37.37 -13.40
CA ILE A 65 -19.69 -36.40 -13.69
C ILE A 65 -18.40 -36.87 -12.99
N TYR A 66 -18.58 -37.35 -11.76
CA TYR A 66 -17.46 -37.77 -10.93
C TYR A 66 -16.71 -38.91 -11.63
N THR A 67 -17.46 -39.89 -12.14
CA THR A 67 -16.86 -41.02 -12.84
C THR A 67 -16.10 -40.55 -14.09
N LEU A 68 -16.74 -39.70 -14.90
CA LEU A 68 -16.10 -39.22 -16.12
C LEU A 68 -14.76 -38.54 -15.77
N LEU A 69 -14.74 -37.72 -14.71
CA LEU A 69 -13.51 -37.00 -14.36
C LEU A 69 -12.47 -37.94 -13.75
N THR A 70 -12.90 -38.82 -12.85
CA THR A 70 -12.00 -39.78 -12.21
C THR A 70 -11.21 -40.55 -13.28
N ASP A 71 -11.90 -41.01 -14.34
CA ASP A 71 -11.28 -41.80 -15.38
C ASP A 71 -10.57 -40.97 -16.47
N ASN A 72 -10.96 -39.69 -16.72
CA ASN A 72 -10.55 -39.06 -17.95
C ASN A 72 -10.00 -37.64 -17.77
N TYR A 73 -9.82 -37.16 -16.53
CA TYR A 73 -9.41 -35.77 -16.34
C TYR A 73 -7.89 -35.62 -16.40
N VAL A 74 -7.40 -34.49 -15.90
CA VAL A 74 -6.03 -34.03 -16.08
C VAL A 74 -5.03 -34.98 -15.44
N GLU A 75 -4.01 -35.37 -16.24
CA GLU A 75 -2.90 -36.13 -15.67
C GLU A 75 -1.65 -35.25 -15.73
N ASP A 76 -0.67 -35.58 -14.86
CA ASP A 76 0.62 -34.90 -14.96
C ASP A 76 1.30 -35.30 -16.26
N ASP A 77 2.42 -34.64 -16.57
CA ASP A 77 3.08 -34.78 -17.85
C ASP A 77 3.60 -36.20 -18.07
N ASP A 78 3.78 -36.97 -16.99
CA ASP A 78 4.34 -38.32 -17.07
C ASP A 78 3.28 -39.43 -16.98
N ASN A 79 1.99 -39.04 -16.88
CA ASN A 79 0.88 -39.98 -16.78
C ASN A 79 1.07 -40.93 -15.60
N ILE A 80 1.41 -40.37 -14.44
CA ILE A 80 1.54 -41.09 -13.19
C ILE A 80 0.40 -40.75 -12.23
N PHE A 81 -0.07 -39.49 -12.30
CA PHE A 81 -1.10 -39.04 -11.36
C PHE A 81 -2.26 -38.47 -12.18
N ARG A 82 -3.50 -38.75 -11.76
CA ARG A 82 -4.67 -38.11 -12.35
CA ARG A 82 -4.67 -38.12 -12.35
C ARG A 82 -5.51 -37.46 -11.25
N PHE A 83 -5.90 -36.20 -11.45
CA PHE A 83 -6.76 -35.51 -10.51
C PHE A 83 -8.01 -36.35 -10.27
N ASN A 84 -8.44 -36.36 -9.01
CA ASN A 84 -9.57 -37.15 -8.54
C ASN A 84 -10.44 -36.28 -7.61
N TYR A 85 -10.97 -35.19 -8.16
CA TYR A 85 -11.91 -34.32 -7.45
C TYR A 85 -13.06 -35.15 -6.88
N SER A 86 -13.40 -34.95 -5.61
CA SER A 86 -14.47 -35.76 -5.01
C SER A 86 -15.83 -35.27 -5.50
N ALA A 87 -16.85 -36.14 -5.35
CA ALA A 87 -18.21 -35.74 -5.72
C ALA A 87 -18.66 -34.55 -4.90
N GLU A 88 -18.35 -34.55 -3.57
CA GLU A 88 -18.76 -33.42 -2.74
C GLU A 88 -18.03 -32.15 -3.19
N PHE A 89 -16.76 -32.28 -3.62
CA PHE A 89 -16.02 -31.12 -4.10
C PHE A 89 -16.72 -30.55 -5.35
N LEU A 90 -17.15 -31.42 -6.26
CA LEU A 90 -17.79 -30.93 -7.49
C LEU A 90 -19.11 -30.22 -7.19
N LEU A 91 -19.85 -30.71 -6.19
CA LEU A 91 -21.05 -30.01 -5.73
C LEU A 91 -20.69 -28.58 -5.30
N TRP A 92 -19.71 -28.44 -4.40
CA TRP A 92 -19.26 -27.13 -3.93
C TRP A 92 -18.82 -26.22 -5.10
N ALA A 93 -17.99 -26.75 -5.99
CA ALA A 93 -17.36 -25.96 -7.05
C ALA A 93 -18.40 -25.43 -8.01
N LEU A 94 -19.55 -26.13 -8.16
CA LEU A 94 -20.47 -25.82 -9.25
C LEU A 94 -21.77 -25.15 -8.78
N THR A 95 -21.99 -24.98 -7.47
CA THR A 95 -23.28 -24.50 -6.95
C THR A 95 -23.10 -23.22 -6.13
N SER A 96 -22.14 -22.40 -6.53
CA SER A 96 -21.82 -21.12 -5.91
C SER A 96 -22.97 -20.16 -6.19
N PRO A 97 -23.01 -19.00 -5.50
CA PRO A 97 -24.13 -18.08 -5.66
C PRO A 97 -24.44 -17.73 -7.11
N ASN A 98 -25.74 -17.79 -7.43
CA ASN A 98 -26.33 -17.48 -8.73
C ASN A 98 -25.86 -18.44 -9.82
N TYR A 99 -25.41 -19.66 -9.47
CA TYR A 99 -25.02 -20.59 -10.53
C TYR A 99 -26.24 -20.86 -11.42
N LEU A 100 -25.98 -21.31 -12.66
CA LEU A 100 -27.04 -21.77 -13.54
C LEU A 100 -26.82 -23.25 -13.80
N LYS A 101 -27.90 -24.03 -13.59
CA LYS A 101 -27.91 -25.43 -13.96
C LYS A 101 -27.64 -25.60 -15.46
N THR A 102 -28.05 -24.63 -16.31
CA THR A 102 -27.90 -24.78 -17.75
C THR A 102 -26.45 -24.50 -18.21
N TRP A 103 -25.56 -24.18 -17.27
CA TRP A 103 -24.14 -24.01 -17.59
C TRP A 103 -23.37 -25.23 -17.11
N HIS A 104 -24.09 -26.32 -16.77
CA HIS A 104 -23.44 -27.57 -16.40
C HIS A 104 -23.78 -28.59 -17.50
N ILE A 105 -22.94 -28.68 -18.54
CA ILE A 105 -23.35 -29.27 -19.81
C ILE A 105 -22.62 -30.60 -20.00
N GLY A 106 -23.39 -31.69 -20.13
CA GLY A 106 -22.82 -32.98 -20.51
C GLY A 106 -23.09 -33.35 -21.97
N VAL A 107 -22.38 -34.38 -22.44
CA VAL A 107 -22.66 -35.00 -23.73
C VAL A 107 -22.71 -36.49 -23.48
N LYS A 108 -23.84 -37.12 -23.86
CA LYS A 108 -23.98 -38.56 -23.73
C LYS A 108 -23.85 -39.24 -25.08
N TYR A 109 -23.41 -40.50 -25.05
CA TYR A 109 -23.44 -41.36 -26.21
C TYR A 109 -24.78 -42.08 -26.13
N ASP A 110 -25.64 -41.88 -27.13
CA ASP A 110 -27.05 -42.26 -27.01
C ASP A 110 -27.19 -43.77 -26.71
N ALA A 111 -26.39 -44.59 -27.39
CA ALA A 111 -26.61 -46.04 -27.37
C ALA A 111 -26.30 -46.68 -26.01
N SER A 112 -25.31 -46.13 -25.28
CA SER A 112 -24.95 -46.61 -23.94
C SER A 112 -25.57 -45.78 -22.82
N ASN A 113 -26.08 -44.58 -23.14
CA ASN A 113 -26.63 -43.61 -22.22
C ASN A 113 -25.56 -43.15 -21.23
N LYS A 114 -24.29 -43.19 -21.62
CA LYS A 114 -23.24 -42.80 -20.71
CA LYS A 114 -23.29 -42.76 -20.66
C LYS A 114 -22.69 -41.42 -21.07
N LEU A 115 -22.31 -40.65 -20.05
CA LEU A 115 -21.68 -39.34 -20.18
C LEU A 115 -20.26 -39.52 -20.72
N ILE A 116 -19.93 -38.91 -21.85
CA ILE A 116 -18.59 -38.98 -22.43
C ILE A 116 -17.94 -37.61 -22.56
N GLY A 117 -18.67 -36.57 -22.17
CA GLY A 117 -18.08 -35.22 -22.21
C GLY A 117 -18.78 -34.30 -21.22
N PHE A 118 -18.05 -33.23 -20.81
CA PHE A 118 -18.59 -32.28 -19.83
C PHE A 118 -17.85 -30.95 -19.98
N ILE A 119 -18.55 -29.85 -19.65
CA ILE A 119 -17.88 -28.57 -19.49
C ILE A 119 -18.78 -27.76 -18.54
N SER A 120 -18.19 -26.82 -17.77
CA SER A 120 -19.04 -26.08 -16.83
C SER A 120 -18.63 -24.61 -16.77
N ALA A 121 -19.56 -23.76 -16.33
CA ALA A 121 -19.18 -22.40 -15.98
C ALA A 121 -19.99 -22.01 -14.75
N ILE A 122 -19.45 -21.04 -13.98
CA ILE A 122 -20.20 -20.33 -12.95
C ILE A 122 -19.96 -18.84 -13.14
N PRO A 123 -20.92 -17.98 -12.75
CA PRO A 123 -20.73 -16.53 -12.87
C PRO A 123 -19.96 -15.92 -11.70
N THR A 124 -19.11 -14.92 -12.01
CA THR A 124 -18.33 -14.26 -10.95
C THR A 124 -18.01 -12.85 -11.47
N ASP A 125 -17.80 -11.90 -10.54
CA ASP A 125 -17.33 -10.58 -10.93
CA ASP A 125 -17.35 -10.58 -10.93
C ASP A 125 -15.82 -10.59 -10.91
N ILE A 126 -15.20 -10.25 -12.06
CA ILE A 126 -13.74 -10.33 -12.17
C ILE A 126 -13.22 -8.91 -12.38
N CYS A 127 -12.25 -8.51 -11.56
CA CYS A 127 -11.56 -7.23 -11.71
C CYS A 127 -10.24 -7.46 -12.44
N ILE A 128 -10.13 -6.93 -13.66
CA ILE A 128 -8.92 -7.01 -14.47
C ILE A 128 -8.40 -5.58 -14.66
N HIS A 129 -7.19 -5.31 -14.17
CA HIS A 129 -6.61 -3.97 -14.29
CA HIS A 129 -6.60 -3.97 -14.30
C HIS A 129 -7.62 -2.90 -13.86
N LYS A 130 -8.27 -3.12 -12.71
CA LYS A 130 -9.08 -2.12 -12.03
CA LYS A 130 -9.08 -2.14 -12.00
C LYS A 130 -10.45 -1.92 -12.67
N ARG A 131 -10.81 -2.78 -13.63
CA ARG A 131 -12.15 -2.70 -14.22
C ARG A 131 -12.88 -3.97 -13.85
N THR A 132 -14.07 -3.82 -13.24
CA THR A 132 -14.79 -5.03 -12.84
C THR A 132 -15.82 -5.40 -13.90
N ILE A 133 -15.81 -6.66 -14.32
CA ILE A 133 -16.60 -7.17 -15.43
C ILE A 133 -17.32 -8.42 -14.93
N LYS A 134 -18.60 -8.58 -15.28
CA LYS A 134 -19.29 -9.83 -15.03
CA LYS A 134 -19.30 -9.83 -15.04
C LYS A 134 -18.78 -10.89 -16.01
N MET A 135 -18.28 -12.01 -15.46
CA MET A 135 -17.67 -13.02 -16.32
C MET A 135 -18.20 -14.40 -15.94
N ALA A 136 -17.97 -15.35 -16.83
CA ALA A 136 -18.12 -16.77 -16.49
C ALA A 136 -16.73 -17.35 -16.22
N GLU A 137 -16.64 -18.20 -15.18
CA GLU A 137 -15.44 -18.95 -14.89
CA GLU A 137 -15.44 -18.95 -14.86
C GLU A 137 -15.64 -20.36 -15.43
N VAL A 138 -14.82 -20.75 -16.43
CA VAL A 138 -15.04 -22.02 -17.12
C VAL A 138 -14.12 -23.07 -16.50
N ASN A 139 -14.61 -24.30 -16.30
CA ASN A 139 -13.82 -25.30 -15.60
C ASN A 139 -14.34 -26.71 -15.94
N PHE A 140 -13.53 -27.73 -15.69
CA PHE A 140 -13.92 -29.13 -15.79
C PHE A 140 -14.30 -29.54 -17.22
N LEU A 141 -13.71 -28.91 -18.25
CA LEU A 141 -13.81 -29.44 -19.63
C LEU A 141 -13.13 -30.82 -19.67
N CYS A 142 -13.86 -31.80 -20.19
CA CYS A 142 -13.32 -33.14 -20.24
C CYS A 142 -14.00 -33.89 -21.37
N VAL A 143 -13.18 -34.55 -22.20
CA VAL A 143 -13.70 -35.51 -23.16
C VAL A 143 -13.10 -36.89 -22.82
N HIS A 144 -13.95 -37.93 -22.90
CA HIS A 144 -13.49 -39.28 -22.66
C HIS A 144 -12.21 -39.62 -23.43
N LYS A 145 -11.31 -40.37 -22.80
CA LYS A 145 -10.06 -40.77 -23.42
C LYS A 145 -10.28 -41.44 -24.78
N THR A 146 -11.40 -42.13 -24.95
CA THR A 146 -11.57 -42.92 -26.18
C THR A 146 -11.99 -42.04 -27.34
N LEU A 147 -12.34 -40.77 -27.06
CA LEU A 147 -12.85 -39.87 -28.11
C LEU A 147 -11.98 -38.63 -28.31
N ARG A 148 -10.69 -38.74 -28.00
CA ARG A 148 -9.76 -37.62 -28.11
C ARG A 148 -9.43 -37.29 -29.57
N SER A 149 -9.12 -36.00 -29.80
CA SER A 149 -8.64 -35.45 -31.07
C SER A 149 -9.70 -35.61 -32.16
N LYS A 150 -10.99 -35.52 -31.78
CA LYS A 150 -12.09 -35.56 -32.75
C LYS A 150 -12.77 -34.21 -32.89
N ARG A 151 -12.15 -33.18 -32.35
CA ARG A 151 -12.69 -31.81 -32.39
C ARG A 151 -13.98 -31.72 -31.56
N LEU A 152 -14.18 -32.56 -30.53
CA LEU A 152 -15.34 -32.37 -29.66
C LEU A 152 -15.19 -31.15 -28.74
N ALA A 153 -13.95 -30.85 -28.35
CA ALA A 153 -13.77 -29.77 -27.36
C ALA A 153 -14.27 -28.43 -27.92
N PRO A 154 -13.98 -28.04 -29.20
CA PRO A 154 -14.53 -26.78 -29.71
C PRO A 154 -16.05 -26.74 -29.69
N VAL A 155 -16.69 -27.90 -29.89
CA VAL A 155 -18.13 -27.98 -29.78
C VAL A 155 -18.58 -27.63 -28.37
N LEU A 156 -17.97 -28.26 -27.34
CA LEU A 156 -18.31 -27.93 -25.97
C LEU A 156 -18.04 -26.45 -25.67
N ILE A 157 -16.90 -25.92 -26.15
CA ILE A 157 -16.59 -24.53 -25.88
C ILE A 157 -17.63 -23.61 -26.56
N LYS A 158 -17.94 -23.85 -27.86
CA LYS A 158 -18.86 -22.94 -28.55
C LYS A 158 -20.25 -22.99 -27.87
N GLU A 159 -20.67 -24.17 -27.43
CA GLU A 159 -22.00 -24.34 -26.81
C GLU A 159 -22.10 -23.61 -25.46
N ILE A 160 -21.03 -23.71 -24.63
CA ILE A 160 -21.07 -22.98 -23.38
C ILE A 160 -20.99 -21.48 -23.63
N THR A 161 -20.19 -21.08 -24.64
CA THR A 161 -20.10 -19.66 -24.95
C THR A 161 -21.51 -19.14 -25.27
N ARG A 162 -22.24 -19.91 -26.09
CA ARG A 162 -23.58 -19.49 -26.52
C ARG A 162 -24.50 -19.32 -25.30
N ARG A 163 -24.47 -20.30 -24.38
CA ARG A 163 -25.33 -20.27 -23.19
C ARG A 163 -24.94 -19.12 -22.26
N ILE A 164 -23.64 -18.79 -22.19
CA ILE A 164 -23.21 -17.68 -21.35
C ILE A 164 -23.71 -16.38 -21.99
N ASN A 165 -23.58 -16.28 -23.33
CA ASN A 165 -23.98 -15.08 -24.05
C ASN A 165 -25.47 -14.83 -23.89
N LEU A 166 -26.27 -15.89 -23.74
CA LEU A 166 -27.71 -15.70 -23.54
C LEU A 166 -28.01 -14.90 -22.27
N GLU A 167 -27.09 -14.94 -21.29
CA GLU A 167 -27.28 -14.19 -20.07
C GLU A 167 -26.61 -12.81 -20.15
N ASN A 168 -26.23 -12.38 -21.36
CA ASN A 168 -25.66 -11.04 -21.58
C ASN A 168 -24.30 -10.94 -20.89
N ILE A 169 -23.57 -12.07 -20.86
CA ILE A 169 -22.19 -12.14 -20.40
C ILE A 169 -21.30 -12.46 -21.60
N TRP A 170 -20.20 -11.70 -21.76
CA TRP A 170 -19.42 -11.67 -23.00
C TRP A 170 -17.92 -11.88 -22.74
N GLN A 171 -17.53 -12.05 -21.47
CA GLN A 171 -16.14 -12.32 -21.08
C GLN A 171 -16.09 -13.60 -20.24
N ALA A 172 -14.93 -14.28 -20.20
CA ALA A 172 -14.78 -15.45 -19.34
C ALA A 172 -13.34 -15.48 -18.82
N ILE A 173 -13.14 -16.21 -17.74
CA ILE A 173 -11.79 -16.48 -17.26
C ILE A 173 -11.64 -18.00 -17.20
N TYR A 174 -10.44 -18.50 -17.48
CA TYR A 174 -10.14 -19.92 -17.42
C TYR A 174 -8.63 -20.10 -17.24
N THR A 175 -8.24 -21.28 -16.75
CA THR A 175 -6.83 -21.60 -16.60
C THR A 175 -6.58 -22.95 -17.25
N ALA A 176 -5.34 -23.22 -17.71
CA ALA A 176 -5.00 -24.55 -18.21
C ALA A 176 -3.49 -24.71 -18.07
N GLY A 177 -3.01 -25.97 -17.96
CA GLY A 177 -1.56 -26.22 -17.97
C GLY A 177 -0.97 -26.09 -19.37
N VAL A 178 -1.79 -26.21 -20.40
CA VAL A 178 -1.33 -26.16 -21.79
C VAL A 178 -1.34 -24.71 -22.27
N TYR A 179 -0.42 -24.41 -23.19
CA TYR A 179 -0.27 -23.09 -23.77
C TYR A 179 -1.31 -22.91 -24.89
N LEU A 180 -2.12 -21.85 -24.77
CA LEU A 180 -3.14 -21.48 -25.76
C LEU A 180 -3.00 -19.99 -26.01
N PRO A 181 -3.56 -19.47 -27.12
CA PRO A 181 -3.57 -18.03 -27.32
C PRO A 181 -4.55 -17.36 -26.36
N LYS A 182 -4.08 -16.43 -25.51
CA LYS A 182 -2.69 -16.17 -25.17
C LYS A 182 -2.71 -15.82 -23.68
N PRO A 183 -1.80 -16.33 -22.84
CA PRO A 183 -1.95 -16.10 -21.40
C PRO A 183 -1.84 -14.63 -21.01
N VAL A 184 -2.67 -14.21 -20.03
CA VAL A 184 -2.50 -12.91 -19.38
CA VAL A 184 -2.52 -12.93 -19.38
C VAL A 184 -1.44 -13.02 -18.30
N SER A 185 -1.25 -14.23 -17.75
CA SER A 185 -0.19 -14.47 -16.78
C SER A 185 0.13 -15.97 -16.78
N ASP A 186 1.30 -16.35 -16.23
CA ASP A 186 1.77 -17.74 -16.26
C ASP A 186 2.44 -18.03 -14.92
N ALA A 187 1.89 -18.99 -14.17
CA ALA A 187 2.40 -19.24 -12.81
C ALA A 187 2.89 -20.67 -12.63
N ARG A 188 4.17 -20.80 -12.30
CA ARG A 188 4.68 -22.14 -11.96
C ARG A 188 4.09 -22.59 -10.61
N TYR A 189 4.00 -23.90 -10.43
CA TYR A 189 3.54 -24.51 -9.16
C TYR A 189 4.75 -25.12 -8.45
N TYR A 190 4.68 -25.07 -7.12
CA TYR A 190 5.74 -25.53 -6.18
C TYR A 190 5.07 -26.45 -5.17
N HIS A 191 5.84 -27.39 -4.62
CA HIS A 191 5.27 -28.40 -3.76
C HIS A 191 6.11 -28.47 -2.49
N ARG A 192 5.43 -28.58 -1.35
CA ARG A 192 6.10 -28.71 -0.07
C ARG A 192 5.75 -30.09 0.50
N SER A 193 6.78 -30.96 0.56
CA SER A 193 6.61 -32.32 1.07
C SER A 193 6.16 -32.31 2.53
N ILE A 194 5.16 -33.16 2.84
CA ILE A 194 4.72 -33.38 4.21
C ILE A 194 5.02 -34.83 4.63
N ASN A 195 4.46 -35.78 3.88
CA ASN A 195 4.75 -37.21 4.10
CA ASN A 195 4.75 -37.20 4.10
C ASN A 195 5.82 -37.65 3.10
N VAL A 196 7.07 -37.43 3.47
CA VAL A 196 8.25 -37.55 2.63
CA VAL A 196 8.10 -37.51 2.45
C VAL A 196 8.37 -38.97 2.08
N LYS A 197 8.26 -39.92 3.02
CA LYS A 197 8.46 -41.35 2.68
C LYS A 197 7.49 -41.80 1.60
N LYS A 198 6.19 -41.45 1.79
CA LYS A 198 5.21 -41.76 0.76
C LYS A 198 5.58 -41.12 -0.58
N LEU A 199 5.94 -39.82 -0.60
CA LEU A 199 6.26 -39.17 -1.85
C LEU A 199 7.44 -39.81 -2.56
N ILE A 200 8.40 -40.35 -1.78
CA ILE A 200 9.55 -41.02 -2.37
C ILE A 200 9.11 -42.36 -2.96
N GLU A 201 8.31 -43.09 -2.19
CA GLU A 201 7.87 -44.43 -2.58
CA GLU A 201 7.89 -44.42 -2.60
C GLU A 201 7.04 -44.40 -3.87
N ILE A 202 6.27 -43.32 -4.11
CA ILE A 202 5.44 -43.21 -5.31
C ILE A 202 6.19 -42.54 -6.46
N GLY A 203 7.43 -42.10 -6.22
CA GLY A 203 8.26 -41.63 -7.31
C GLY A 203 8.25 -40.10 -7.44
N PHE A 204 7.37 -39.42 -6.70
CA PHE A 204 7.28 -37.96 -6.74
C PHE A 204 8.56 -37.27 -6.25
N SER A 205 9.14 -37.73 -5.13
CA SER A 205 10.34 -37.10 -4.58
C SER A 205 11.53 -38.05 -4.72
N SER A 206 12.76 -37.53 -4.53
CA SER A 206 14.00 -38.25 -4.79
C SER A 206 14.94 -38.26 -3.58
N LEU A 207 15.72 -39.35 -3.44
CA LEU A 207 16.87 -39.44 -2.54
C LEU A 207 18.19 -39.49 -3.31
N ASN A 208 19.31 -39.31 -2.58
CA ASN A 208 20.64 -39.41 -3.15
C ASN A 208 21.63 -39.77 -2.04
N SER A 209 22.91 -39.94 -2.36
CA SER A 209 23.81 -40.58 -1.40
C SER A 209 24.03 -39.68 -0.19
N ARG A 210 23.73 -38.37 -0.34
CA ARG A 210 23.78 -37.38 0.73
C ARG A 210 22.43 -37.37 1.46
N LEU A 211 21.35 -37.23 0.68
CA LEU A 211 20.02 -37.25 1.24
C LEU A 211 19.48 -38.68 1.26
N THR A 212 19.83 -39.39 2.34
CA THR A 212 19.26 -40.68 2.70
C THR A 212 17.81 -40.51 3.14
N MET A 213 17.09 -41.64 3.22
CA MET A 213 15.70 -41.63 3.66
C MET A 213 15.58 -40.90 5.00
N SER A 214 16.37 -41.30 6.01
CA SER A 214 16.25 -40.68 7.34
C SER A 214 16.49 -39.16 7.27
N ARG A 215 17.49 -38.73 6.49
CA ARG A 215 17.81 -37.32 6.37
C ARG A 215 16.70 -36.56 5.67
N ALA A 216 16.07 -37.18 4.65
CA ALA A 216 14.94 -36.54 3.96
C ALA A 216 13.79 -36.30 4.92
N ILE A 217 13.50 -37.30 5.74
CA ILE A 217 12.41 -37.20 6.72
C ILE A 217 12.74 -36.06 7.70
N LYS A 218 14.01 -35.98 8.13
CA LYS A 218 14.40 -34.96 9.10
CA LYS A 218 14.40 -34.95 9.09
C LYS A 218 14.23 -33.57 8.47
N LEU A 219 14.60 -33.45 7.19
CA LEU A 219 14.60 -32.13 6.55
C LEU A 219 13.19 -31.50 6.55
N TYR A 220 12.16 -32.32 6.32
CA TYR A 220 10.79 -31.83 6.15
C TYR A 220 9.99 -31.89 7.45
N ARG A 221 10.62 -32.29 8.56
CA ARG A 221 9.99 -32.38 9.89
CA ARG A 221 9.92 -32.39 9.85
C ARG A 221 9.42 -31.01 10.26
N VAL A 222 8.24 -30.96 10.88
CA VAL A 222 7.73 -29.67 11.36
C VAL A 222 7.29 -29.77 12.82
N GLU A 223 7.41 -28.64 13.53
CA GLU A 223 6.95 -28.53 14.90
C GLU A 223 5.44 -28.38 14.88
N ASP A 224 4.79 -29.18 15.73
CA ASP A 224 3.33 -29.18 15.83
C ASP A 224 2.84 -28.05 16.74
N THR A 225 3.35 -26.83 16.50
CA THR A 225 2.85 -25.68 17.24
C THR A 225 2.70 -24.50 16.26
N LEU A 226 1.51 -23.89 16.29
CA LEU A 226 1.18 -22.75 15.45
C LEU A 226 1.94 -21.50 15.89
N ASN A 227 2.33 -20.70 14.90
CA ASN A 227 2.90 -19.37 15.09
C ASN A 227 1.79 -18.45 15.59
N ILE A 228 0.59 -18.66 15.04
CA ILE A 228 -0.56 -17.83 15.39
C ILE A 228 -1.49 -18.72 16.22
N LYS A 229 -1.37 -18.64 17.56
CA LYS A 229 -1.86 -19.67 18.45
C LYS A 229 -3.37 -19.87 18.30
N ASN A 230 -4.11 -18.77 18.05
CA ASN A 230 -5.58 -18.84 18.05
C ASN A 230 -6.17 -19.20 16.68
N MET A 231 -5.34 -19.55 15.71
CA MET A 231 -5.83 -19.90 14.39
CA MET A 231 -5.82 -19.94 14.38
C MET A 231 -6.82 -21.08 14.52
N ARG A 232 -8.08 -20.88 14.05
CA ARG A 232 -9.11 -21.90 14.26
C ARG A 232 -10.02 -22.05 13.04
N LEU A 233 -10.74 -23.17 12.91
CA LEU A 233 -11.67 -23.28 11.78
C LEU A 233 -12.63 -22.10 11.77
N MET A 234 -12.85 -21.62 10.55
CA MET A 234 -13.82 -20.58 10.27
C MET A 234 -15.23 -21.08 10.59
N LYS A 235 -16.03 -20.16 11.18
CA LYS A 235 -17.43 -20.39 11.46
C LYS A 235 -18.30 -19.33 10.78
N LYS A 236 -19.63 -19.59 10.76
CA LYS A 236 -20.57 -18.72 10.07
CA LYS A 236 -20.55 -18.72 10.06
C LYS A 236 -20.42 -17.28 10.56
N LYS A 237 -20.15 -17.09 11.85
CA LYS A 237 -20.09 -15.73 12.39
C LYS A 237 -18.90 -14.95 11.86
N ASP A 238 -17.94 -15.61 11.21
CA ASP A 238 -16.71 -14.96 10.75
C ASP A 238 -16.84 -14.48 9.30
N VAL A 239 -17.99 -14.72 8.69
CA VAL A 239 -18.15 -14.37 7.27
C VAL A 239 -17.89 -12.88 7.02
N GLU A 240 -18.54 -11.99 7.80
CA GLU A 240 -18.35 -10.56 7.58
C GLU A 240 -16.86 -10.20 7.65
N GLY A 241 -16.16 -10.75 8.67
CA GLY A 241 -14.77 -10.39 8.92
C GLY A 241 -13.84 -10.93 7.83
N VAL A 242 -14.15 -12.13 7.31
CA VAL A 242 -13.35 -12.67 6.21
C VAL A 242 -13.58 -11.82 4.96
N HIS A 243 -14.83 -11.39 4.76
CA HIS A 243 -15.16 -10.59 3.61
C HIS A 243 -14.36 -9.28 3.61
N LYS A 244 -14.24 -8.67 4.79
N LYS A 244 -14.25 -8.65 4.78
CA LYS A 244 -13.53 -7.40 4.90
CA LYS A 244 -13.52 -7.39 4.87
C LYS A 244 -12.04 -7.63 4.66
C LYS A 244 -12.03 -7.64 4.64
N LEU A 245 -11.47 -8.61 5.38
CA LEU A 245 -10.03 -8.87 5.34
C LEU A 245 -9.59 -9.21 3.90
N LEU A 246 -10.26 -10.21 3.32
CA LEU A 246 -9.84 -10.71 2.02
C LEU A 246 -10.17 -9.67 0.93
N GLY A 247 -11.38 -9.09 1.01
CA GLY A 247 -11.79 -8.13 0.00
C GLY A 247 -10.81 -6.95 -0.08
N SER A 248 -10.34 -6.48 1.08
N SER A 248 -10.34 -6.47 1.08
CA SER A 248 -9.38 -5.39 1.09
CA SER A 248 -9.37 -5.39 1.13
C SER A 248 -8.03 -5.83 0.50
C SER A 248 -8.02 -5.81 0.55
N TYR A 249 -7.56 -7.01 0.94
CA TYR A 249 -6.29 -7.56 0.48
C TYR A 249 -6.26 -7.67 -1.05
N LEU A 250 -7.35 -8.16 -1.65
CA LEU A 250 -7.23 -8.55 -3.04
C LEU A 250 -7.14 -7.31 -3.95
N GLU A 251 -7.49 -6.11 -3.44
CA GLU A 251 -7.59 -4.96 -4.35
C GLU A 251 -6.22 -4.55 -4.92
N GLN A 252 -5.11 -4.97 -4.31
CA GLN A 252 -3.79 -4.64 -4.84
C GLN A 252 -3.47 -5.35 -6.16
N PHE A 253 -4.17 -6.43 -6.48
CA PHE A 253 -3.74 -7.27 -7.60
C PHE A 253 -4.30 -6.81 -8.93
N ASN A 254 -3.68 -7.33 -10.02
CA ASN A 254 -4.12 -6.98 -11.35
CA ASN A 254 -4.10 -7.00 -11.38
C ASN A 254 -5.29 -7.85 -11.84
N LEU A 255 -5.58 -8.94 -11.11
CA LEU A 255 -6.60 -9.89 -11.56
C LEU A 255 -7.14 -10.56 -10.30
N TYR A 256 -8.44 -10.31 -9.97
CA TYR A 256 -8.99 -10.95 -8.78
C TYR A 256 -10.52 -10.99 -8.90
N ALA A 257 -11.16 -11.94 -8.17
CA ALA A 257 -12.62 -11.93 -8.06
C ALA A 257 -13.07 -10.93 -7.00
N VAL A 258 -14.18 -10.22 -7.30
CA VAL A 258 -14.80 -9.30 -6.34
C VAL A 258 -15.91 -10.05 -5.59
N PHE A 259 -15.59 -10.63 -4.43
CA PHE A 259 -16.49 -11.51 -3.72
C PHE A 259 -17.54 -10.70 -2.97
N THR A 260 -18.81 -11.11 -3.09
CA THR A 260 -19.84 -10.68 -2.17
C THR A 260 -19.76 -11.46 -0.86
N LYS A 261 -20.55 -11.04 0.14
CA LYS A 261 -20.58 -11.76 1.40
CA LYS A 261 -20.62 -11.75 1.42
C LYS A 261 -21.11 -13.19 1.18
N GLU A 262 -22.11 -13.33 0.31
CA GLU A 262 -22.68 -14.65 0.07
CA GLU A 262 -22.73 -14.60 -0.07
C GLU A 262 -21.64 -15.55 -0.61
N GLU A 263 -20.82 -14.98 -1.48
CA GLU A 263 -19.69 -15.71 -2.07
C GLU A 263 -18.62 -16.10 -1.03
N ILE A 264 -18.28 -15.19 -0.10
CA ILE A 264 -17.37 -15.57 0.97
C ILE A 264 -17.92 -16.77 1.75
N ALA A 265 -19.21 -16.76 2.12
CA ALA A 265 -19.70 -17.89 2.89
C ALA A 265 -19.58 -19.18 2.08
N HIS A 266 -19.90 -19.10 0.79
CA HIS A 266 -19.86 -20.31 -0.02
C HIS A 266 -18.41 -20.83 -0.18
N TRP A 267 -17.50 -19.93 -0.59
CA TRP A 267 -16.16 -20.37 -0.97
C TRP A 267 -15.27 -20.67 0.23
N PHE A 268 -15.60 -20.19 1.44
CA PHE A 268 -14.68 -20.32 2.57
C PHE A 268 -15.22 -21.15 3.73
N LEU A 269 -16.54 -21.22 3.94
CA LEU A 269 -16.98 -21.99 5.09
C LEU A 269 -16.56 -23.46 4.99
N PRO A 270 -15.95 -24.03 6.04
CA PRO A 270 -15.28 -25.34 5.91
C PRO A 270 -16.22 -26.49 5.58
N ILE A 271 -15.76 -27.39 4.70
CA ILE A 271 -16.42 -28.64 4.37
C ILE A 271 -15.32 -29.71 4.39
N GLU A 272 -15.45 -30.70 5.29
CA GLU A 272 -14.42 -31.71 5.45
CA GLU A 272 -14.44 -31.73 5.46
C GLU A 272 -14.12 -32.33 4.09
N ASN A 273 -12.80 -32.48 3.80
CA ASN A 273 -12.32 -33.14 2.59
C ASN A 273 -12.62 -32.32 1.35
N VAL A 274 -12.93 -31.00 1.53
CA VAL A 274 -13.20 -30.13 0.39
C VAL A 274 -12.44 -28.81 0.56
N ILE A 275 -12.87 -28.00 1.54
CA ILE A 275 -12.31 -26.65 1.72
C ILE A 275 -12.01 -26.49 3.21
N TYR A 276 -10.80 -25.98 3.50
CA TYR A 276 -10.40 -25.73 4.88
C TYR A 276 -10.05 -24.24 5.01
N THR A 277 -10.73 -23.54 5.93
CA THR A 277 -10.40 -22.15 6.16
C THR A 277 -10.21 -21.97 7.67
N TYR A 278 -9.14 -21.30 8.03
CA TYR A 278 -8.85 -20.98 9.43
CA TYR A 278 -8.82 -21.00 9.43
C TYR A 278 -8.72 -19.48 9.60
N VAL A 279 -9.11 -18.98 10.78
CA VAL A 279 -9.08 -17.55 11.02
C VAL A 279 -8.46 -17.26 12.38
N ASN A 280 -7.90 -16.05 12.50
CA ASN A 280 -7.44 -15.58 13.79
C ASN A 280 -8.30 -14.36 14.14
N GLU A 281 -9.08 -14.49 15.22
CA GLU A 281 -10.03 -13.46 15.67
C GLU A 281 -9.43 -12.73 16.86
N GLU A 282 -9.37 -11.40 16.77
CA GLU A 282 -9.01 -10.56 17.90
CA GLU A 282 -9.03 -10.59 17.93
C GLU A 282 -10.11 -9.54 18.11
N ASN A 283 -10.73 -9.50 19.31
CA ASN A 283 -11.72 -8.46 19.57
CA ASN A 283 -11.82 -8.59 19.69
C ASN A 283 -12.94 -8.64 18.66
N GLY A 284 -13.28 -9.88 18.26
CA GLY A 284 -14.38 -10.10 17.34
C GLY A 284 -14.10 -9.59 15.92
N LYS A 285 -12.81 -9.36 15.58
CA LYS A 285 -12.40 -8.95 14.24
C LYS A 285 -11.43 -9.98 13.66
N ILE A 286 -11.59 -10.29 12.38
CA ILE A 286 -10.74 -11.29 11.75
C ILE A 286 -9.47 -10.59 11.23
N LYS A 287 -8.30 -10.99 11.76
CA LYS A 287 -7.05 -10.32 11.43
CA LYS A 287 -7.02 -10.35 11.51
C LYS A 287 -6.15 -11.15 10.53
N ASP A 288 -6.37 -12.47 10.46
CA ASP A 288 -5.50 -13.32 9.65
C ASP A 288 -6.34 -14.50 9.15
N MET A 289 -6.05 -15.00 7.95
CA MET A 289 -6.79 -16.17 7.50
C MET A 289 -5.88 -17.09 6.69
N ILE A 290 -6.18 -18.40 6.74
CA ILE A 290 -5.48 -19.41 5.94
C ILE A 290 -6.56 -20.19 5.21
N SER A 291 -6.35 -20.51 3.91
CA SER A 291 -7.29 -21.48 3.31
C SER A 291 -6.61 -22.38 2.28
N PHE A 292 -7.12 -23.61 2.14
CA PHE A 292 -6.57 -24.57 1.18
C PHE A 292 -7.69 -25.53 0.85
N TYR A 293 -7.70 -26.08 -0.37
CA TYR A 293 -8.70 -27.06 -0.76
C TYR A 293 -8.03 -28.42 -0.99
N SER A 294 -8.87 -29.47 -0.90
CA SER A 294 -8.42 -30.84 -1.04
C SER A 294 -8.63 -31.31 -2.48
N LEU A 295 -7.51 -31.70 -3.13
CA LEU A 295 -7.57 -32.20 -4.50
C LEU A 295 -6.65 -33.42 -4.53
N PRO A 296 -7.20 -34.62 -4.26
CA PRO A 296 -6.38 -35.83 -4.31
C PRO A 296 -6.07 -36.18 -5.76
N SER A 297 -4.93 -36.85 -5.98
CA SER A 297 -4.69 -37.46 -7.28
C SER A 297 -4.65 -39.00 -7.12
N GLN A 298 -5.32 -39.67 -8.07
CA GLN A 298 -5.21 -41.10 -8.22
C GLN A 298 -3.80 -41.40 -8.71
N ILE A 299 -3.17 -42.40 -8.07
CA ILE A 299 -1.82 -42.80 -8.45
C ILE A 299 -2.00 -43.99 -9.41
N LEU A 300 -1.44 -43.89 -10.60
CA LEU A 300 -1.63 -44.94 -11.59
C LEU A 300 -0.44 -45.92 -11.52
N GLY A 301 -0.68 -47.20 -11.26
CA GLY A 301 0.34 -48.24 -11.41
C GLY A 301 1.33 -48.34 -10.26
N ASN A 302 0.91 -47.93 -9.05
CA ASN A 302 1.73 -48.14 -7.86
C ASN A 302 1.10 -49.28 -7.07
N ASP A 303 1.88 -50.35 -6.80
CA ASP A 303 1.33 -51.46 -6.03
C ASP A 303 0.86 -51.00 -4.64
N LYS A 304 1.58 -50.08 -3.97
CA LYS A 304 1.27 -49.84 -2.56
C LYS A 304 0.14 -48.82 -2.36
N TYR A 305 0.14 -47.71 -3.12
CA TYR A 305 -0.74 -46.58 -2.80
C TYR A 305 -1.68 -46.29 -3.97
N SER A 306 -2.96 -45.97 -3.68
CA SER A 306 -3.90 -45.62 -4.75
CA SER A 306 -3.92 -45.62 -4.73
C SER A 306 -4.07 -44.10 -4.84
N THR A 307 -3.82 -43.37 -3.73
CA THR A 307 -4.22 -41.97 -3.70
C THR A 307 -3.10 -41.10 -3.14
N LEU A 308 -2.86 -39.93 -3.74
CA LEU A 308 -2.00 -38.90 -3.16
C LEU A 308 -2.92 -37.82 -2.58
N ASN A 309 -2.90 -37.60 -1.26
N ASN A 309 -2.82 -37.56 -1.27
CA ASN A 309 -3.74 -36.57 -0.69
CA ASN A 309 -3.66 -36.60 -0.58
C ASN A 309 -2.97 -35.25 -0.71
C ASN A 309 -2.97 -35.23 -0.66
N ALA A 310 -3.55 -34.25 -1.38
CA ALA A 310 -2.84 -33.01 -1.65
C ALA A 310 -3.73 -31.85 -1.22
N ALA A 311 -3.13 -30.91 -0.47
CA ALA A 311 -3.78 -29.65 -0.16
C ALA A 311 -3.24 -28.59 -1.10
N TYR A 312 -4.14 -27.77 -1.65
CA TYR A 312 -3.76 -26.70 -2.55
C TYR A 312 -4.07 -25.35 -1.93
N SER A 313 -3.02 -24.53 -1.81
CA SER A 313 -3.13 -23.18 -1.26
C SER A 313 -4.19 -22.39 -2.02
N PHE A 314 -5.03 -21.64 -1.27
CA PHE A 314 -6.18 -20.99 -1.85
C PHE A 314 -5.99 -19.49 -1.60
N TYR A 315 -6.53 -18.95 -0.49
CA TYR A 315 -6.31 -17.54 -0.12
C TYR A 315 -5.77 -17.40 1.30
N ASN A 316 -4.67 -16.63 1.47
CA ASN A 316 -4.00 -16.49 2.74
C ASN A 316 -3.64 -15.02 2.97
N VAL A 317 -4.02 -14.51 4.14
CA VAL A 317 -3.82 -13.08 4.44
C VAL A 317 -3.34 -12.95 5.88
N THR A 318 -2.27 -12.19 6.10
CA THR A 318 -1.86 -11.92 7.46
C THR A 318 -1.71 -10.42 7.75
N THR A 319 -2.17 -10.01 8.95
CA THR A 319 -1.87 -8.66 9.43
C THR A 319 -1.17 -8.68 10.78
N THR A 320 -1.04 -9.84 11.43
CA THR A 320 -0.42 -9.87 12.75
C THR A 320 0.87 -10.73 12.78
N ALA A 321 1.26 -11.30 11.63
CA ALA A 321 2.45 -12.14 11.53
C ALA A 321 3.16 -11.79 10.23
N THR A 322 4.31 -12.43 9.95
CA THR A 322 4.88 -12.33 8.62
C THR A 322 4.20 -13.34 7.68
N PHE A 323 4.28 -13.08 6.39
CA PHE A 323 3.66 -14.01 5.44
C PHE A 323 4.32 -15.39 5.60
N LYS A 324 5.65 -15.42 5.85
CA LYS A 324 6.33 -16.69 6.02
CA LYS A 324 6.32 -16.69 6.03
C LYS A 324 5.75 -17.44 7.23
N GLN A 325 5.51 -16.71 8.34
CA GLN A 325 4.94 -17.33 9.52
C GLN A 325 3.54 -17.89 9.21
N LEU A 326 2.73 -17.13 8.46
CA LEU A 326 1.37 -17.56 8.15
C LEU A 326 1.41 -18.84 7.30
N MET A 327 2.30 -18.89 6.30
CA MET A 327 2.31 -20.04 5.39
C MET A 327 2.93 -21.26 6.06
N GLN A 328 3.83 -21.04 7.03
CA GLN A 328 4.30 -22.12 7.89
C GLN A 328 3.10 -22.75 8.62
N ASP A 329 2.23 -21.92 9.23
CA ASP A 329 1.04 -22.43 9.89
C ASP A 329 0.11 -23.14 8.91
N ALA A 330 0.02 -22.62 7.68
CA ALA A 330 -0.81 -23.29 6.68
C ALA A 330 -0.28 -24.70 6.40
N ILE A 331 1.04 -24.86 6.27
CA ILE A 331 1.62 -26.20 6.08
C ILE A 331 1.30 -27.13 7.27
N LEU A 332 1.46 -26.60 8.49
CA LEU A 332 1.14 -27.38 9.68
C LEU A 332 -0.33 -27.82 9.68
N LEU A 333 -1.22 -26.89 9.36
CA LEU A 333 -2.65 -27.21 9.42
C LEU A 333 -2.96 -28.27 8.35
N ALA A 334 -2.28 -28.18 7.19
CA ALA A 334 -2.45 -29.25 6.22
C ALA A 334 -1.96 -30.61 6.75
N LYS A 335 -0.85 -30.59 7.50
CA LYS A 335 -0.27 -31.81 8.03
C LYS A 335 -1.23 -32.39 9.08
N ARG A 336 -1.82 -31.53 9.92
CA ARG A 336 -2.73 -31.97 10.95
C ARG A 336 -3.97 -32.58 10.33
N ASN A 337 -4.25 -32.25 9.05
CA ASN A 337 -5.42 -32.79 8.36
C ASN A 337 -5.06 -33.96 7.44
N ASN A 338 -3.86 -34.54 7.61
N ASN A 338 -3.85 -34.51 7.63
CA ASN A 338 -3.55 -35.80 6.95
CA ASN A 338 -3.42 -35.75 7.00
C ASN A 338 -3.13 -35.64 5.48
C ASN A 338 -3.16 -35.62 5.50
N PHE A 339 -2.77 -34.43 5.04
CA PHE A 339 -2.33 -34.24 3.67
C PHE A 339 -0.85 -34.64 3.53
N ASP A 340 -0.51 -35.12 2.32
CA ASP A 340 0.81 -35.65 2.00
C ASP A 340 1.74 -34.56 1.49
N VAL A 341 1.16 -33.50 0.88
CA VAL A 341 1.95 -32.49 0.18
C VAL A 341 1.08 -31.23 0.18
N PHE A 342 1.75 -30.07 0.19
CA PHE A 342 1.07 -28.79 0.11
C PHE A 342 1.49 -28.08 -1.17
N ASN A 343 0.53 -27.73 -2.02
CA ASN A 343 0.87 -27.22 -3.35
C ASN A 343 0.51 -25.74 -3.45
N ALA A 344 1.38 -24.93 -4.06
CA ALA A 344 1.07 -23.52 -4.25
C ALA A 344 1.58 -23.01 -5.60
N LEU A 345 0.91 -21.98 -6.14
CA LEU A 345 1.37 -21.31 -7.35
C LEU A 345 2.14 -20.05 -6.95
N GLU A 346 3.05 -19.55 -7.81
CA GLU A 346 3.77 -18.30 -7.55
C GLU A 346 2.88 -17.07 -7.85
N VAL A 347 1.67 -17.06 -7.27
CA VAL A 347 0.75 -15.93 -7.35
C VAL A 347 0.74 -15.18 -6.01
N MET A 348 0.18 -13.97 -6.01
CA MET A 348 0.09 -13.19 -4.79
C MET A 348 1.48 -13.06 -4.16
N GLN A 349 1.63 -13.23 -2.85
CA GLN A 349 2.94 -13.11 -2.21
C GLN A 349 3.61 -14.48 -2.04
N ASN A 350 3.15 -15.52 -2.74
CA ASN A 350 3.57 -16.89 -2.38
C ASN A 350 5.06 -17.13 -2.66
N LYS A 351 5.57 -16.60 -3.78
CA LYS A 351 6.90 -16.99 -4.21
CA LYS A 351 6.91 -16.97 -4.22
C LYS A 351 7.94 -16.63 -3.14
N SER A 352 7.69 -15.52 -2.43
CA SER A 352 8.61 -15.01 -1.41
C SER A 352 8.92 -16.00 -0.29
N VAL A 353 8.07 -17.04 -0.11
CA VAL A 353 8.27 -17.93 1.03
C VAL A 353 8.77 -19.32 0.59
N PHE A 354 8.85 -19.57 -0.71
CA PHE A 354 9.07 -20.92 -1.19
C PHE A 354 10.44 -21.44 -0.75
N GLU A 355 11.50 -20.61 -0.82
CA GLU A 355 12.84 -21.12 -0.50
CA GLU A 355 12.84 -21.12 -0.50
C GLU A 355 12.93 -21.44 0.99
N ASP A 356 12.50 -20.47 1.82
CA ASP A 356 12.63 -20.63 3.27
C ASP A 356 11.80 -21.79 3.82
N LEU A 357 10.60 -22.02 3.24
CA LEU A 357 9.71 -23.06 3.76
C LEU A 357 9.92 -24.39 3.02
N LYS A 358 10.99 -24.51 2.23
CA LYS A 358 11.40 -25.81 1.70
C LYS A 358 10.46 -26.35 0.62
N PHE A 359 9.83 -25.44 -0.14
CA PHE A 359 9.11 -25.88 -1.33
C PHE A 359 10.09 -26.28 -2.42
N GLY A 360 9.70 -27.27 -3.24
CA GLY A 360 10.46 -27.53 -4.46
C GLY A 360 9.73 -27.09 -5.71
N GLU A 361 10.50 -26.60 -6.70
CA GLU A 361 9.87 -26.22 -7.97
C GLU A 361 9.29 -27.44 -8.66
N GLY A 362 8.08 -27.32 -9.24
CA GLY A 362 7.50 -28.42 -9.99
C GLY A 362 7.98 -28.43 -11.45
N ASP A 363 7.22 -29.14 -12.31
CA ASP A 363 7.66 -29.43 -13.66
C ASP A 363 6.90 -28.60 -14.69
N GLY A 364 6.15 -27.59 -14.26
CA GLY A 364 5.28 -26.95 -15.24
C GLY A 364 4.61 -25.71 -14.66
N SER A 365 3.69 -25.14 -15.45
CA SER A 365 3.02 -23.94 -14.96
C SER A 365 1.54 -23.91 -15.33
N LEU A 366 0.77 -23.13 -14.55
CA LEU A 366 -0.63 -22.87 -14.88
C LEU A 366 -0.77 -21.50 -15.53
N LYS A 367 -1.39 -21.51 -16.72
CA LYS A 367 -1.62 -20.29 -17.52
C LYS A 367 -3.01 -19.75 -17.21
N TYR A 368 -3.08 -18.41 -17.02
CA TYR A 368 -4.34 -17.74 -16.83
C TYR A 368 -4.79 -17.07 -18.14
N TYR A 369 -6.07 -17.23 -18.50
CA TYR A 369 -6.59 -16.72 -19.75
C TYR A 369 -7.87 -15.93 -19.54
N LEU A 370 -8.11 -14.93 -20.39
CA LEU A 370 -9.43 -14.33 -20.51
C LEU A 370 -9.95 -14.52 -21.95
N TYR A 371 -11.27 -14.62 -22.09
CA TYR A 371 -11.96 -14.69 -23.37
C TYR A 371 -12.59 -13.34 -23.67
N ASN A 372 -12.36 -12.83 -24.88
CA ASN A 372 -12.87 -11.54 -25.36
C ASN A 372 -12.40 -10.39 -24.46
N TRP A 373 -11.10 -10.35 -24.16
CA TRP A 373 -10.59 -9.24 -23.38
C TRP A 373 -9.14 -9.04 -23.81
N LYS A 374 -8.84 -7.80 -24.16
CA LYS A 374 -7.47 -7.47 -24.53
C LYS A 374 -6.87 -6.54 -23.46
N CYS A 375 -5.62 -6.84 -23.07
CA CYS A 375 -5.00 -6.09 -21.99
C CYS A 375 -3.53 -6.50 -21.90
N ALA A 376 -2.77 -5.76 -21.10
CA ALA A 376 -1.37 -6.08 -20.92
C ALA A 376 -1.22 -7.34 -20.07
N SER A 377 -0.19 -8.15 -20.35
CA SER A 377 0.06 -9.33 -19.52
C SER A 377 0.92 -8.89 -18.35
N PHE A 378 1.16 -9.81 -17.38
CA PHE A 378 1.79 -9.40 -16.13
C PHE A 378 2.39 -10.61 -15.44
N ALA A 379 3.42 -10.35 -14.62
CA ALA A 379 4.07 -11.37 -13.79
C ALA A 379 3.04 -11.96 -12.84
N PRO A 380 3.18 -13.26 -12.48
CA PRO A 380 2.20 -13.91 -11.61
C PRO A 380 2.06 -13.37 -10.18
N ALA A 381 3.08 -12.64 -9.66
CA ALA A 381 2.91 -11.99 -8.37
C ALA A 381 1.73 -10.99 -8.38
N HIS A 382 1.28 -10.58 -9.58
CA HIS A 382 0.18 -9.63 -9.69
C HIS A 382 -1.16 -10.34 -9.90
N VAL A 383 -1.14 -11.69 -9.98
CA VAL A 383 -2.35 -12.50 -10.03
C VAL A 383 -2.86 -12.69 -8.60
N GLY A 384 -4.15 -12.41 -8.42
CA GLY A 384 -4.81 -12.49 -7.12
C GLY A 384 -6.07 -13.37 -7.17
N ILE A 385 -6.03 -14.42 -8.00
CA ILE A 385 -7.15 -15.36 -8.05
C ILE A 385 -6.60 -16.78 -8.22
N VAL A 386 -7.31 -17.72 -7.60
CA VAL A 386 -6.98 -19.16 -7.67
C VAL A 386 -8.23 -19.90 -8.13
N LEU A 387 -8.16 -20.57 -9.31
CA LEU A 387 -9.29 -21.37 -9.78
CA LEU A 387 -9.28 -21.37 -9.79
C LEU A 387 -9.08 -22.82 -9.36
N LEU A 388 -10.19 -23.53 -9.11
CA LEU A 388 -10.08 -24.89 -8.58
C LEU A 388 -9.61 -25.89 -9.63
N MET B 4 29.76 -17.62 10.49
CA MET B 4 29.92 -16.15 10.60
C MET B 4 29.36 -15.70 11.95
N ASP B 5 30.19 -15.04 12.74
CA ASP B 5 29.83 -14.59 14.08
C ASP B 5 29.40 -13.12 14.10
N TYR B 6 29.80 -12.35 13.10
CA TYR B 6 29.48 -10.92 12.99
C TYR B 6 29.79 -10.15 14.26
N LYS B 7 31.04 -10.24 14.73
CA LYS B 7 31.45 -9.62 15.98
CA LYS B 7 31.42 -9.62 15.99
C LYS B 7 31.33 -8.10 15.89
N PHE B 8 31.58 -7.52 14.68
CA PHE B 8 31.40 -6.07 14.55
C PHE B 8 29.93 -5.72 14.39
N TRP B 9 29.26 -6.34 13.39
CA TRP B 9 27.88 -5.97 13.07
C TRP B 9 26.96 -6.16 14.28
N TYR B 10 27.24 -7.14 15.16
CA TYR B 10 26.30 -7.39 16.24
CA TYR B 10 26.41 -7.45 16.32
C TYR B 10 26.33 -6.26 17.27
N THR B 11 27.34 -5.38 17.24
CA THR B 11 27.44 -4.24 18.16
C THR B 11 26.72 -3.01 17.58
N GLN B 12 26.20 -3.16 16.36
CA GLN B 12 25.56 -2.05 15.64
C GLN B 12 24.03 -2.17 15.70
N PRO B 13 23.30 -1.04 15.51
CA PRO B 13 21.82 -1.05 15.43
C PRO B 13 21.33 -1.54 14.07
N VAL B 14 21.47 -2.86 13.87
CA VAL B 14 20.99 -3.55 12.68
C VAL B 14 20.34 -4.85 13.17
N PRO B 15 19.56 -5.53 12.33
CA PRO B 15 18.88 -6.75 12.79
C PRO B 15 19.88 -7.88 13.07
N LYS B 16 19.55 -8.75 14.04
CA LYS B 16 20.28 -9.99 14.18
C LYS B 16 19.89 -10.94 13.04
N ILE B 17 20.79 -11.87 12.70
CA ILE B 17 20.54 -12.82 11.61
C ILE B 17 19.13 -13.41 11.70
N ASN B 18 18.62 -13.67 12.92
CA ASN B 18 17.37 -14.40 13.06
C ASN B 18 16.15 -13.47 13.23
N ASP B 19 16.34 -12.16 13.12
CA ASP B 19 15.25 -11.21 13.31
C ASP B 19 14.28 -11.19 12.12
N GLU B 20 12.98 -11.24 12.45
CA GLU B 20 11.92 -11.24 11.45
CA GLU B 20 11.93 -11.21 11.44
C GLU B 20 10.85 -10.26 11.96
N PHE B 21 10.57 -9.20 11.20
CA PHE B 21 9.58 -8.22 11.65
C PHE B 21 8.36 -8.21 10.74
N ASN B 22 7.16 -7.98 11.31
CA ASN B 22 5.90 -7.86 10.59
CA ASN B 22 6.02 -7.94 10.41
C ASN B 22 5.84 -6.53 9.83
N GLU B 23 4.87 -6.40 8.90
CA GLU B 23 4.73 -5.15 8.17
C GLU B 23 4.25 -4.00 9.05
N SER B 24 3.78 -4.29 10.25
CA SER B 24 3.36 -3.24 11.15
C SER B 24 4.56 -2.53 11.81
N VAL B 25 5.80 -3.00 11.55
CA VAL B 25 6.97 -2.51 12.27
C VAL B 25 7.77 -1.72 11.24
N ASN B 26 8.01 -0.43 11.54
CA ASN B 26 8.74 0.38 10.57
C ASN B 26 9.30 1.58 11.33
N GLU B 27 10.43 1.41 11.97
CA GLU B 27 10.91 2.43 12.89
C GLU B 27 12.41 2.24 13.18
N PRO B 28 13.13 3.21 13.80
CA PRO B 28 14.53 2.94 14.14
C PRO B 28 14.72 1.88 15.23
N PHE B 29 15.92 1.28 15.26
CA PHE B 29 16.35 0.51 16.41
C PHE B 29 16.55 1.43 17.62
N ILE B 30 17.21 2.57 17.41
CA ILE B 30 17.50 3.53 18.46
C ILE B 30 16.96 4.89 18.03
N SER B 31 16.07 5.46 18.84
CA SER B 31 15.49 6.77 18.58
CA SER B 31 15.53 6.79 18.56
C SER B 31 16.01 7.79 19.59
N ASP B 32 15.57 9.04 19.46
CA ASP B 32 15.90 10.07 20.44
C ASP B 32 17.42 10.30 20.54
N ASN B 33 18.12 10.19 19.43
CA ASN B 33 19.55 10.44 19.32
C ASN B 33 19.83 11.96 19.42
N LYS B 34 21.01 12.34 19.90
CA LYS B 34 21.33 13.75 20.14
C LYS B 34 22.70 14.09 19.54
N VAL B 35 22.72 15.10 18.64
CA VAL B 35 23.98 15.60 18.07
C VAL B 35 24.99 15.98 19.17
N GLU B 36 24.50 16.58 20.27
CA GLU B 36 25.32 17.06 21.36
CA GLU B 36 25.32 17.05 21.36
C GLU B 36 26.15 15.92 21.96
N ASP B 37 25.61 14.70 21.87
CA ASP B 37 26.26 13.57 22.50
C ASP B 37 27.23 12.81 21.58
N VAL B 38 27.18 13.09 20.27
CA VAL B 38 28.05 12.38 19.32
C VAL B 38 29.52 12.60 19.66
N ARG B 39 30.33 11.54 19.48
CA ARG B 39 31.76 11.69 19.73
C ARG B 39 32.30 12.80 18.83
N LYS B 40 33.14 13.67 19.43
CA LYS B 40 33.77 14.71 18.62
C LYS B 40 35.18 14.37 18.17
N ASP B 41 35.73 13.23 18.66
CA ASP B 41 37.08 12.78 18.32
C ASP B 41 37.01 11.75 17.18
N GLU B 42 37.90 11.88 16.18
CA GLU B 42 37.99 10.88 15.12
C GLU B 42 38.38 9.55 15.74
N TYR B 43 37.87 8.44 15.16
CA TYR B 43 38.27 7.10 15.59
C TYR B 43 39.77 6.90 15.41
N LYS B 44 40.36 6.11 16.32
CA LYS B 44 41.78 5.82 16.25
C LYS B 44 42.06 4.85 15.10
N LEU B 45 43.16 5.09 14.37
CA LEU B 45 43.67 4.18 13.36
C LEU B 45 44.96 3.54 13.89
N PRO B 46 45.40 2.40 13.31
CA PRO B 46 46.65 1.78 13.76
C PRO B 46 47.83 2.72 13.53
N PRO B 47 48.95 2.51 14.25
CA PRO B 47 50.13 3.39 14.08
C PRO B 47 50.56 3.53 12.62
N GLY B 48 50.86 4.76 12.18
CA GLY B 48 51.37 4.98 10.83
C GLY B 48 50.30 5.33 9.79
N TYR B 49 49.02 5.33 10.20
CA TYR B 49 47.90 5.62 9.31
C TYR B 49 47.21 6.90 9.79
N SER B 50 46.67 7.68 8.85
CA SER B 50 46.01 8.93 9.15
CA SER B 50 45.97 8.89 9.20
C SER B 50 44.74 9.08 8.31
N TRP B 51 43.74 9.73 8.90
CA TRP B 51 42.59 10.15 8.12
C TRP B 51 43.03 11.23 7.13
N TYR B 52 42.40 11.22 5.96
CA TYR B 52 42.65 12.22 4.93
C TYR B 52 41.34 12.83 4.47
N VAL B 53 41.34 14.15 4.32
CA VAL B 53 40.18 14.86 3.80
C VAL B 53 40.24 14.83 2.26
N CYS B 54 39.47 13.95 1.61
CA CYS B 54 39.53 13.89 0.15
C CYS B 54 38.66 14.99 -0.44
N ASP B 55 39.24 15.83 -1.34
CA ASP B 55 38.45 16.81 -2.06
C ASP B 55 38.20 16.25 -3.46
N VAL B 56 36.99 15.72 -3.68
CA VAL B 56 36.78 14.99 -4.92
CA VAL B 56 36.68 15.00 -4.91
C VAL B 56 36.79 15.92 -6.13
N LYS B 57 36.63 17.25 -5.88
CA LYS B 57 36.73 18.19 -6.99
C LYS B 57 38.18 18.54 -7.36
N ASP B 58 39.12 18.15 -6.52
CA ASP B 58 40.55 18.35 -6.76
C ASP B 58 41.07 17.19 -7.60
N GLU B 59 41.73 17.51 -8.73
CA GLU B 59 42.13 16.44 -9.64
C GLU B 59 43.07 15.44 -8.95
N LYS B 60 44.01 15.94 -8.15
CA LYS B 60 44.98 15.07 -7.50
CA LYS B 60 44.98 15.09 -7.47
C LYS B 60 44.29 14.10 -6.53
N ASP B 61 43.43 14.64 -5.64
CA ASP B 61 42.68 13.84 -4.67
C ASP B 61 41.85 12.80 -5.43
N ARG B 62 41.18 13.25 -6.50
CA ARG B 62 40.28 12.34 -7.23
C ARG B 62 41.10 11.23 -7.89
N SER B 63 42.30 11.58 -8.39
CA SER B 63 43.12 10.57 -9.04
CA SER B 63 43.16 10.59 -9.03
C SER B 63 43.59 9.51 -8.03
N GLU B 64 43.82 9.92 -6.78
CA GLU B 64 44.25 8.96 -5.76
CA GLU B 64 44.25 8.95 -5.77
C GLU B 64 43.11 8.01 -5.42
N ILE B 65 41.89 8.53 -5.38
CA ILE B 65 40.74 7.64 -5.13
C ILE B 65 40.57 6.70 -6.32
N TYR B 66 40.71 7.25 -7.53
CA TYR B 66 40.55 6.44 -8.73
C TYR B 66 41.55 5.27 -8.68
N THR B 67 42.84 5.57 -8.40
CA THR B 67 43.83 4.51 -8.39
C THR B 67 43.55 3.47 -7.32
N LEU B 68 43.15 3.93 -6.11
CA LEU B 68 42.82 2.94 -5.08
C LEU B 68 41.73 1.99 -5.56
N LEU B 69 40.63 2.54 -6.12
CA LEU B 69 39.53 1.67 -6.54
C LEU B 69 39.89 0.82 -7.76
N THR B 70 40.57 1.38 -8.77
CA THR B 70 41.01 0.61 -9.93
C THR B 70 41.78 -0.63 -9.50
N ASP B 71 42.65 -0.48 -8.48
CA ASP B 71 43.51 -1.60 -8.10
C ASP B 71 42.87 -2.51 -7.07
N ASN B 72 41.96 -1.98 -6.25
CA ASN B 72 41.52 -2.76 -5.06
C ASN B 72 40.01 -2.89 -4.87
N TYR B 73 39.18 -2.47 -5.84
CA TYR B 73 37.71 -2.52 -5.66
C TYR B 73 37.13 -3.92 -5.97
N VAL B 74 35.80 -4.00 -6.03
CA VAL B 74 35.01 -5.23 -6.21
C VAL B 74 35.42 -6.05 -7.42
N GLU B 75 35.70 -7.32 -7.17
CA GLU B 75 35.89 -8.30 -8.23
C GLU B 75 34.71 -9.28 -8.24
N ASP B 76 34.47 -9.92 -9.40
CA ASP B 76 33.52 -11.02 -9.50
C ASP B 76 34.01 -12.16 -8.61
N ASP B 77 33.11 -13.12 -8.35
CA ASP B 77 33.38 -14.23 -7.46
C ASP B 77 34.54 -15.06 -8.02
N ASP B 78 34.80 -14.94 -9.33
CA ASP B 78 35.85 -15.71 -9.98
C ASP B 78 37.17 -14.96 -10.11
N ASN B 79 37.25 -13.69 -9.65
CA ASN B 79 38.48 -12.88 -9.71
C ASN B 79 39.03 -12.69 -11.13
N ILE B 80 38.16 -12.45 -12.13
CA ILE B 80 38.55 -12.24 -13.51
CA ILE B 80 38.64 -12.21 -13.48
C ILE B 80 38.29 -10.79 -13.91
N PHE B 81 37.29 -10.19 -13.28
CA PHE B 81 36.93 -8.81 -13.62
C PHE B 81 36.98 -7.97 -12.33
N ARG B 82 37.40 -6.71 -12.45
CA ARG B 82 37.38 -5.77 -11.34
CA ARG B 82 37.39 -5.77 -11.35
C ARG B 82 36.70 -4.48 -11.80
N PHE B 83 35.71 -4.01 -11.03
CA PHE B 83 35.05 -2.76 -11.38
C PHE B 83 36.10 -1.67 -11.59
N ASN B 84 35.88 -0.81 -12.62
CA ASN B 84 36.83 0.24 -12.96
C ASN B 84 36.06 1.54 -13.20
N TYR B 85 35.41 2.06 -12.15
CA TYR B 85 34.68 3.33 -12.26
C TYR B 85 35.64 4.43 -12.68
N SER B 86 35.21 5.26 -13.65
CA SER B 86 36.13 6.28 -14.15
C SER B 86 36.22 7.44 -13.16
N ALA B 87 37.28 8.26 -13.28
CA ALA B 87 37.42 9.43 -12.42
C ALA B 87 36.24 10.39 -12.59
N GLU B 88 35.74 10.56 -13.83
CA GLU B 88 34.61 11.45 -14.04
CA GLU B 88 34.59 11.42 -14.10
C GLU B 88 33.35 10.84 -13.42
N PHE B 89 33.20 9.51 -13.47
CA PHE B 89 32.05 8.88 -12.81
C PHE B 89 32.08 9.17 -11.32
N LEU B 90 33.28 9.06 -10.72
CA LEU B 90 33.41 9.23 -9.27
C LEU B 90 33.05 10.68 -8.88
N LEU B 91 33.52 11.68 -9.63
CA LEU B 91 33.13 13.06 -9.41
C LEU B 91 31.60 13.19 -9.42
N TRP B 92 30.93 12.62 -10.44
CA TRP B 92 29.46 12.67 -10.52
C TRP B 92 28.79 11.99 -9.32
N ALA B 93 29.23 10.78 -8.96
CA ALA B 93 28.62 9.98 -7.90
C ALA B 93 28.67 10.69 -6.53
N LEU B 94 29.71 11.49 -6.30
CA LEU B 94 30.05 11.94 -4.95
C LEU B 94 29.69 13.42 -4.76
N THR B 95 29.29 14.15 -5.82
CA THR B 95 29.04 15.59 -5.71
C THR B 95 27.58 15.96 -6.02
N SER B 96 26.66 15.08 -5.60
CA SER B 96 25.23 15.30 -5.72
C SER B 96 24.78 16.45 -4.85
N PRO B 97 23.54 16.97 -5.04
CA PRO B 97 23.09 18.14 -4.30
C PRO B 97 23.23 18.00 -2.78
N ASN B 98 23.77 19.07 -2.15
CA ASN B 98 23.92 19.16 -0.70
C ASN B 98 24.90 18.12 -0.16
N TYR B 99 25.84 17.63 -0.99
CA TYR B 99 26.84 16.68 -0.48
C TYR B 99 27.72 17.35 0.57
N LEU B 100 28.27 16.52 1.46
CA LEU B 100 29.17 16.94 2.52
C LEU B 100 30.61 16.51 2.16
N LYS B 101 31.55 17.46 2.17
CA LYS B 101 32.95 17.10 1.96
CA LYS B 101 32.96 17.13 1.97
C LYS B 101 33.46 16.21 3.09
N THR B 102 32.87 16.39 4.30
CA THR B 102 33.29 15.65 5.48
C THR B 102 33.00 14.17 5.28
N TRP B 103 32.11 13.83 4.32
CA TRP B 103 31.72 12.43 4.19
C TRP B 103 32.50 11.72 3.07
N HIS B 104 33.61 12.32 2.58
CA HIS B 104 34.45 11.66 1.60
C HIS B 104 35.78 11.39 2.30
N ILE B 105 35.94 10.15 2.81
CA ILE B 105 36.92 9.88 3.84
C ILE B 105 38.01 8.95 3.30
N GLY B 106 39.27 9.46 3.30
CA GLY B 106 40.42 8.66 2.92
C GLY B 106 41.23 8.19 4.15
N VAL B 107 42.01 7.12 3.94
CA VAL B 107 43.03 6.75 4.94
C VAL B 107 44.37 6.64 4.19
N LYS B 108 45.41 7.31 4.72
CA LYS B 108 46.74 7.27 4.12
C LYS B 108 47.72 6.54 5.02
N TYR B 109 48.66 5.81 4.37
CA TYR B 109 49.85 5.31 5.04
C TYR B 109 50.89 6.44 5.01
N ASP B 110 51.28 6.93 6.20
CA ASP B 110 51.97 8.20 6.34
C ASP B 110 53.31 8.13 5.64
N ALA B 111 53.98 6.99 5.75
CA ALA B 111 55.38 6.91 5.31
C ALA B 111 55.47 7.11 3.80
N SER B 112 54.49 6.54 3.08
CA SER B 112 54.51 6.54 1.62
C SER B 112 53.59 7.62 1.09
N ASN B 113 52.76 8.22 1.97
CA ASN B 113 51.79 9.24 1.58
C ASN B 113 50.84 8.69 0.52
N LYS B 114 50.46 7.40 0.65
CA LYS B 114 49.56 6.81 -0.34
C LYS B 114 48.18 6.51 0.28
N LEU B 115 47.15 6.58 -0.55
CA LEU B 115 45.79 6.26 -0.11
C LEU B 115 45.61 4.73 -0.06
N ILE B 116 45.21 4.20 1.10
CA ILE B 116 45.06 2.77 1.27
C ILE B 116 43.63 2.42 1.69
N GLY B 117 42.80 3.44 1.96
CA GLY B 117 41.42 3.12 2.29
C GLY B 117 40.51 4.30 1.95
N PHE B 118 39.20 4.02 1.75
CA PHE B 118 38.25 5.05 1.35
C PHE B 118 36.87 4.59 1.77
N ILE B 119 36.02 5.55 2.14
CA ILE B 119 34.60 5.29 2.34
C ILE B 119 33.89 6.60 2.06
N SER B 120 32.64 6.53 1.54
CA SER B 120 31.94 7.76 1.22
C SER B 120 30.46 7.63 1.56
N ALA B 121 29.81 8.79 1.68
CA ALA B 121 28.36 8.82 1.70
C ALA B 121 27.86 10.12 1.04
N ILE B 122 26.58 10.08 0.62
CA ILE B 122 25.90 11.29 0.18
C ILE B 122 24.51 11.28 0.79
N PRO B 123 23.91 12.46 1.07
CA PRO B 123 22.59 12.49 1.68
C PRO B 123 21.45 12.43 0.68
N THR B 124 20.35 11.74 1.05
CA THR B 124 19.16 11.82 0.21
C THR B 124 17.96 11.41 1.07
N ASP B 125 16.75 11.70 0.57
CA ASP B 125 15.55 11.27 1.29
C ASP B 125 15.16 9.87 0.76
N ILE B 126 14.99 8.94 1.70
CA ILE B 126 14.66 7.56 1.39
C ILE B 126 13.28 7.27 1.97
N CYS B 127 12.39 6.74 1.11
CA CYS B 127 11.08 6.31 1.59
C CYS B 127 11.09 4.78 1.77
N ILE B 128 10.88 4.31 3.00
CA ILE B 128 10.85 2.88 3.33
C ILE B 128 9.46 2.61 3.91
N HIS B 129 8.70 1.71 3.23
CA HIS B 129 7.35 1.35 3.65
CA HIS B 129 7.34 1.38 3.62
C HIS B 129 6.53 2.63 3.94
N LYS B 130 6.57 3.59 3.01
CA LYS B 130 5.77 4.82 3.01
C LYS B 130 6.17 5.85 4.06
N ARG B 131 7.29 5.67 4.81
CA ARG B 131 7.81 6.72 5.69
C ARG B 131 9.06 7.31 5.03
N THR B 132 9.14 8.64 4.90
CA THR B 132 10.32 9.27 4.30
C THR B 132 11.29 9.74 5.38
N ILE B 133 12.57 9.33 5.27
CA ILE B 133 13.59 9.56 6.29
C ILE B 133 14.84 10.12 5.60
N LYS B 134 15.36 11.21 6.15
CA LYS B 134 16.69 11.68 5.62
CA LYS B 134 16.69 11.68 5.62
C LYS B 134 17.87 10.67 5.96
N MET B 135 18.48 10.16 4.89
CA MET B 135 19.47 9.10 5.09
C MET B 135 20.81 9.42 4.44
N ALA B 136 21.87 8.75 4.91
CA ALA B 136 23.13 8.72 4.17
C ALA B 136 23.14 7.50 3.25
N GLU B 137 23.63 7.67 2.01
CA GLU B 137 23.83 6.55 1.09
CA GLU B 137 23.83 6.55 1.09
C GLU B 137 25.32 6.25 1.05
N VAL B 138 25.70 5.07 1.57
CA VAL B 138 27.11 4.77 1.79
C VAL B 138 27.63 3.93 0.62
N ASN B 139 28.82 4.26 0.10
CA ASN B 139 29.29 3.58 -1.10
C ASN B 139 30.80 3.74 -1.19
N PHE B 140 31.41 2.91 -2.05
CA PHE B 140 32.84 2.91 -2.37
C PHE B 140 33.71 2.61 -1.13
N LEU B 141 33.26 1.79 -0.17
CA LEU B 141 34.17 1.35 0.90
C LEU B 141 35.27 0.45 0.32
N CYS B 142 36.56 0.73 0.61
CA CYS B 142 37.62 -0.01 -0.02
C CYS B 142 38.83 -0.01 0.89
N VAL B 143 39.44 -1.19 1.06
CA VAL B 143 40.71 -1.25 1.77
C VAL B 143 41.71 -1.92 0.83
N HIS B 144 42.94 -1.38 0.80
CA HIS B 144 43.98 -1.89 -0.09
C HIS B 144 44.11 -3.42 0.07
N LYS B 145 44.33 -4.11 -1.05
CA LYS B 145 44.41 -5.57 -0.97
C LYS B 145 45.50 -6.02 0.00
N THR B 146 46.58 -5.26 0.16
CA THR B 146 47.69 -5.65 1.04
C THR B 146 47.35 -5.59 2.54
N LEU B 147 46.21 -4.98 2.90
CA LEU B 147 45.86 -4.66 4.28
C LEU B 147 44.49 -5.26 4.64
N ARG B 148 44.10 -6.37 3.98
CA ARG B 148 42.81 -6.98 4.21
C ARG B 148 42.77 -7.81 5.51
N SER B 149 41.57 -7.94 6.09
CA SER B 149 41.34 -8.73 7.29
C SER B 149 42.13 -8.22 8.50
N LYS B 150 42.37 -6.90 8.60
CA LYS B 150 42.98 -6.33 9.79
C LYS B 150 42.00 -5.45 10.59
N ARG B 151 40.69 -5.55 10.31
CA ARG B 151 39.66 -4.83 11.05
C ARG B 151 39.77 -3.33 10.76
N LEU B 152 40.26 -2.95 9.57
CA LEU B 152 40.17 -1.54 9.19
C LEU B 152 38.76 -1.13 8.77
N ALA B 153 37.99 -2.02 8.13
CA ALA B 153 36.67 -1.60 7.63
C ALA B 153 35.74 -1.14 8.77
N PRO B 154 35.70 -1.79 9.95
CA PRO B 154 34.85 -1.27 11.03
C PRO B 154 35.30 0.14 11.44
N VAL B 155 36.61 0.44 11.32
CA VAL B 155 37.05 1.78 11.71
C VAL B 155 36.46 2.81 10.73
N LEU B 156 36.53 2.52 9.42
CA LEU B 156 35.97 3.42 8.42
CA LEU B 156 35.97 3.42 8.42
C LEU B 156 34.47 3.58 8.63
N ILE B 157 33.79 2.45 8.95
CA ILE B 157 32.33 2.49 9.12
C ILE B 157 31.95 3.35 10.33
N LYS B 158 32.65 3.15 11.45
CA LYS B 158 32.31 3.89 12.66
C LYS B 158 32.61 5.38 12.43
N GLU B 159 33.72 5.67 11.73
CA GLU B 159 34.08 7.07 11.55
C GLU B 159 33.09 7.78 10.62
N ILE B 160 32.67 7.13 9.52
CA ILE B 160 31.65 7.80 8.71
C ILE B 160 30.31 7.93 9.46
N THR B 161 29.94 6.92 10.29
CA THR B 161 28.73 6.97 11.12
C THR B 161 28.78 8.23 11.99
N ARG B 162 29.95 8.47 12.62
CA ARG B 162 30.16 9.61 13.50
C ARG B 162 29.91 10.91 12.75
N ARG B 163 30.47 11.02 11.53
CA ARG B 163 30.38 12.29 10.80
C ARG B 163 28.96 12.50 10.26
N ILE B 164 28.23 11.41 9.96
CA ILE B 164 26.85 11.52 9.48
C ILE B 164 25.95 11.94 10.65
N ASN B 165 26.20 11.36 11.83
CA ASN B 165 25.49 11.71 13.05
C ASN B 165 25.65 13.19 13.38
N LEU B 166 26.80 13.77 13.05
CA LEU B 166 26.99 15.21 13.35
C LEU B 166 26.11 16.11 12.47
N GLU B 167 25.43 15.51 11.45
CA GLU B 167 24.47 16.22 10.61
C GLU B 167 23.04 15.87 11.03
N ASN B 168 22.88 15.24 12.21
CA ASN B 168 21.59 14.89 12.77
C ASN B 168 20.88 13.90 11.82
N ILE B 169 21.68 13.02 11.21
CA ILE B 169 21.20 11.92 10.39
C ILE B 169 21.56 10.61 11.08
N TRP B 170 20.59 9.68 11.20
CA TRP B 170 20.76 8.53 12.08
C TRP B 170 20.41 7.21 11.37
N GLN B 171 20.12 7.29 10.05
CA GLN B 171 19.86 6.09 9.27
C GLN B 171 20.69 6.16 7.99
N ALA B 172 20.99 4.99 7.42
CA ALA B 172 21.72 4.92 6.16
C ALA B 172 21.18 3.76 5.33
N ILE B 173 21.43 3.84 4.03
CA ILE B 173 21.13 2.78 3.06
C ILE B 173 22.43 2.40 2.38
N TYR B 174 22.63 1.09 2.17
CA TYR B 174 23.86 0.60 1.55
C TYR B 174 23.53 -0.72 0.86
N THR B 175 24.33 -1.11 -0.12
CA THR B 175 24.15 -2.41 -0.80
C THR B 175 25.46 -3.15 -0.78
N ALA B 176 25.41 -4.49 -0.82
CA ALA B 176 26.66 -5.21 -0.98
C ALA B 176 26.33 -6.57 -1.61
N GLY B 177 27.34 -7.17 -2.25
CA GLY B 177 27.19 -8.54 -2.74
C GLY B 177 27.32 -9.58 -1.64
N VAL B 178 27.92 -9.19 -0.50
CA VAL B 178 28.13 -10.12 0.60
C VAL B 178 26.93 -10.07 1.55
N TYR B 179 26.64 -11.23 2.14
CA TYR B 179 25.57 -11.32 3.12
C TYR B 179 26.04 -10.75 4.46
N LEU B 180 25.29 -9.80 5.01
CA LEU B 180 25.57 -9.21 6.32
C LEU B 180 24.25 -9.16 7.06
N PRO B 181 24.26 -8.92 8.38
CA PRO B 181 23.01 -8.68 9.11
C PRO B 181 22.39 -7.32 8.80
N LYS B 182 21.16 -7.30 8.25
CA LYS B 182 20.45 -8.38 7.59
C LYS B 182 19.70 -7.77 6.40
N PRO B 183 19.67 -8.38 5.18
CA PRO B 183 19.04 -7.69 4.04
C PRO B 183 17.57 -7.35 4.27
N VAL B 184 17.16 -6.16 3.77
CA VAL B 184 15.76 -5.85 3.62
CA VAL B 184 15.76 -5.82 3.61
C VAL B 184 15.22 -6.45 2.32
N SER B 185 16.13 -6.68 1.37
CA SER B 185 15.78 -7.35 0.10
C SER B 185 17.07 -7.79 -0.58
N ASP B 186 16.94 -8.72 -1.51
CA ASP B 186 18.09 -9.41 -2.09
C ASP B 186 17.74 -9.59 -3.57
N ALA B 187 18.54 -8.99 -4.49
CA ALA B 187 18.17 -8.99 -5.91
C ALA B 187 19.26 -9.62 -6.76
N ARG B 188 18.93 -10.71 -7.44
CA ARG B 188 19.89 -11.26 -8.38
C ARG B 188 20.11 -10.31 -9.54
N TYR B 189 21.32 -10.36 -10.12
CA TYR B 189 21.61 -9.65 -11.38
C TYR B 189 21.57 -10.61 -12.56
N TYR B 190 21.26 -10.03 -13.72
CA TYR B 190 21.12 -10.72 -15.01
C TYR B 190 21.80 -9.90 -16.10
N HIS B 191 22.22 -10.57 -17.19
CA HIS B 191 23.11 -9.95 -18.16
C HIS B 191 22.55 -10.16 -19.56
N ARG B 192 22.50 -9.11 -20.37
CA ARG B 192 22.08 -9.29 -21.76
C ARG B 192 23.30 -9.03 -22.64
N SER B 193 23.77 -10.08 -23.33
CA SER B 193 24.92 -9.98 -24.21
C SER B 193 24.61 -9.03 -25.38
N ILE B 194 25.55 -8.14 -25.69
CA ILE B 194 25.46 -7.32 -26.89
C ILE B 194 26.59 -7.68 -27.86
N ASN B 195 27.86 -7.65 -27.39
CA ASN B 195 29.02 -8.06 -28.16
C ASN B 195 29.41 -9.48 -27.76
N VAL B 196 28.73 -10.45 -28.38
CA VAL B 196 28.70 -11.86 -28.00
C VAL B 196 30.10 -12.47 -28.05
N LYS B 197 30.77 -12.25 -29.17
CA LYS B 197 32.06 -12.88 -29.40
C LYS B 197 33.08 -12.45 -28.34
N LYS B 198 33.12 -11.15 -28.05
CA LYS B 198 34.04 -10.65 -27.02
C LYS B 198 33.72 -11.30 -25.67
N LEU B 199 32.43 -11.39 -25.31
CA LEU B 199 32.08 -11.95 -24.01
C LEU B 199 32.46 -13.44 -23.94
N ILE B 200 32.43 -14.15 -25.08
CA ILE B 200 32.86 -15.54 -25.15
CA ILE B 200 32.85 -15.54 -25.09
C ILE B 200 34.37 -15.61 -24.90
N GLU B 201 35.10 -14.79 -25.65
CA GLU B 201 36.56 -14.86 -25.62
C GLU B 201 37.10 -14.51 -24.22
N ILE B 202 36.39 -13.66 -23.44
CA ILE B 202 36.93 -13.25 -22.15
C ILE B 202 36.42 -14.17 -21.03
N GLY B 203 35.58 -15.15 -21.38
CA GLY B 203 35.00 -16.06 -20.39
C GLY B 203 33.91 -15.41 -19.53
N PHE B 204 33.23 -14.40 -20.05
CA PHE B 204 32.01 -13.94 -19.40
C PHE B 204 30.87 -14.91 -19.76
N SER B 205 30.71 -15.24 -21.05
CA SER B 205 29.64 -16.12 -21.56
C SER B 205 30.23 -17.41 -22.11
N SER B 206 29.36 -18.38 -22.48
CA SER B 206 29.83 -19.67 -22.94
CA SER B 206 29.81 -19.70 -22.93
C SER B 206 29.07 -20.16 -24.17
N LEU B 207 29.69 -21.09 -24.93
CA LEU B 207 29.07 -21.79 -26.05
C LEU B 207 28.93 -23.27 -25.71
N ASN B 208 28.04 -23.97 -26.43
CA ASN B 208 27.92 -25.41 -26.37
C ASN B 208 27.71 -25.98 -27.79
N SER B 209 27.52 -27.32 -27.88
CA SER B 209 27.45 -28.04 -29.14
CA SER B 209 27.45 -28.04 -29.14
C SER B 209 26.31 -27.50 -30.01
N ARG B 210 25.17 -27.19 -29.37
CA ARG B 210 24.04 -26.60 -30.07
C ARG B 210 24.34 -25.13 -30.36
N LEU B 211 24.87 -24.41 -29.35
CA LEU B 211 25.13 -22.99 -29.52
C LEU B 211 26.58 -22.78 -29.98
N THR B 212 26.78 -22.76 -31.30
CA THR B 212 28.06 -22.42 -31.89
C THR B 212 28.26 -20.92 -31.88
N MET B 213 29.47 -20.48 -32.23
CA MET B 213 29.76 -19.05 -32.23
C MET B 213 28.77 -18.31 -33.15
N SER B 214 28.54 -18.82 -34.36
CA SER B 214 27.65 -18.11 -35.28
C SER B 214 26.22 -18.10 -34.74
N ARG B 215 25.80 -19.22 -34.17
CA ARG B 215 24.43 -19.23 -33.66
C ARG B 215 24.26 -18.24 -32.49
N ALA B 216 25.29 -18.12 -31.64
CA ALA B 216 25.22 -17.18 -30.51
C ALA B 216 25.13 -15.74 -30.97
N ILE B 217 25.91 -15.39 -32.01
CA ILE B 217 25.87 -14.05 -32.55
C ILE B 217 24.47 -13.78 -33.11
N LYS B 218 23.91 -14.79 -33.80
CA LYS B 218 22.59 -14.61 -34.40
C LYS B 218 21.56 -14.49 -33.29
N LEU B 219 21.73 -15.25 -32.20
CA LEU B 219 20.71 -15.24 -31.14
C LEU B 219 20.59 -13.84 -30.51
N TYR B 220 21.71 -13.10 -30.40
CA TYR B 220 21.74 -11.84 -29.66
C TYR B 220 21.67 -10.65 -30.60
N ARG B 221 21.56 -10.89 -31.92
CA ARG B 221 21.47 -9.81 -32.92
C ARG B 221 20.23 -8.97 -32.66
N VAL B 222 20.34 -7.66 -32.83
CA VAL B 222 19.17 -6.81 -32.58
C VAL B 222 18.97 -5.88 -33.78
N GLU B 223 17.70 -5.52 -34.01
CA GLU B 223 17.35 -4.60 -35.10
C GLU B 223 17.67 -3.17 -34.66
N ASP B 224 18.34 -2.42 -35.53
CA ASP B 224 18.75 -1.06 -35.20
C ASP B 224 17.61 -0.06 -35.43
N THR B 225 16.41 -0.40 -34.94
CA THR B 225 15.29 0.54 -35.02
C THR B 225 14.55 0.56 -33.68
N LEU B 226 14.29 1.76 -33.14
CA LEU B 226 13.63 1.89 -31.85
C LEU B 226 12.14 1.60 -31.98
N ASN B 227 11.59 0.97 -30.93
CA ASN B 227 10.16 0.82 -30.75
C ASN B 227 9.50 2.17 -30.56
N ILE B 228 10.16 3.05 -29.81
CA ILE B 228 9.69 4.39 -29.50
C ILE B 228 10.57 5.36 -30.30
N LYS B 229 10.08 5.74 -31.50
CA LYS B 229 10.92 6.37 -32.49
C LYS B 229 11.59 7.62 -31.96
N ASN B 230 10.89 8.40 -31.14
CA ASN B 230 11.39 9.72 -30.78
C ASN B 230 12.22 9.71 -29.48
N MET B 231 12.59 8.54 -28.98
CA MET B 231 13.47 8.47 -27.81
CA MET B 231 13.48 8.48 -27.82
C MET B 231 14.77 9.24 -28.11
N ARG B 232 15.10 10.21 -27.24
CA ARG B 232 16.22 11.10 -27.49
C ARG B 232 16.94 11.45 -26.16
N LEU B 233 18.19 11.92 -26.28
CA LEU B 233 18.92 12.26 -25.08
C LEU B 233 18.18 13.35 -24.32
N MET B 234 18.18 13.21 -23.00
CA MET B 234 17.53 14.19 -22.13
C MET B 234 18.27 15.51 -22.18
N LYS B 235 17.51 16.62 -22.10
CA LYS B 235 18.05 17.98 -22.12
C LYS B 235 17.54 18.71 -20.88
N LYS B 236 18.14 19.86 -20.55
CA LYS B 236 17.80 20.57 -19.31
C LYS B 236 16.30 20.88 -19.22
N LYS B 237 15.67 21.26 -20.35
CA LYS B 237 14.25 21.60 -20.38
CA LYS B 237 14.25 21.59 -20.41
C LYS B 237 13.38 20.40 -19.96
N ASP B 238 13.94 19.17 -20.02
CA ASP B 238 13.19 17.98 -19.67
C ASP B 238 13.17 17.65 -18.16
N VAL B 239 13.81 18.44 -17.29
CA VAL B 239 14.01 18.06 -15.88
C VAL B 239 12.65 17.97 -15.19
N GLU B 240 11.77 18.98 -15.38
CA GLU B 240 10.47 18.97 -14.73
CA GLU B 240 10.49 18.95 -14.70
C GLU B 240 9.71 17.70 -15.12
N GLY B 241 9.68 17.43 -16.44
CA GLY B 241 8.91 16.32 -16.95
C GLY B 241 9.41 14.99 -16.38
N VAL B 242 10.74 14.85 -16.32
CA VAL B 242 11.33 13.61 -15.82
C VAL B 242 11.02 13.49 -14.32
N HIS B 243 11.06 14.62 -13.60
CA HIS B 243 10.77 14.60 -12.18
C HIS B 243 9.35 14.11 -11.92
N LYS B 244 8.39 14.59 -12.73
CA LYS B 244 7.01 14.19 -12.55
CA LYS B 244 7.00 14.19 -12.56
C LYS B 244 6.84 12.71 -12.93
N LEU B 245 7.41 12.32 -14.06
CA LEU B 245 7.20 10.94 -14.49
C LEU B 245 7.81 9.96 -13.48
N LEU B 246 9.11 10.15 -13.18
CA LEU B 246 9.81 9.22 -12.29
C LEU B 246 9.22 9.27 -10.88
N GLY B 247 8.96 10.49 -10.38
CA GLY B 247 8.39 10.68 -9.05
C GLY B 247 7.10 9.89 -8.81
N SER B 248 6.16 9.99 -9.76
N SER B 248 6.17 10.00 -9.77
CA SER B 248 4.90 9.26 -9.62
CA SER B 248 4.91 9.28 -9.66
C SER B 248 5.14 7.76 -9.74
C SER B 248 5.13 7.77 -9.76
N TYR B 249 6.06 7.34 -10.63
CA TYR B 249 6.29 5.92 -10.86
C TYR B 249 6.84 5.26 -9.58
N LEU B 250 7.73 5.96 -8.87
CA LEU B 250 8.46 5.29 -7.78
C LEU B 250 7.61 5.08 -6.52
N GLU B 251 6.52 5.85 -6.37
CA GLU B 251 5.63 5.76 -5.21
C GLU B 251 5.09 4.35 -4.98
N GLN B 252 4.99 3.52 -6.02
CA GLN B 252 4.43 2.20 -5.85
C GLN B 252 5.36 1.29 -5.03
N PHE B 253 6.67 1.62 -4.92
CA PHE B 253 7.59 0.64 -4.36
C PHE B 253 7.73 0.78 -2.84
N ASN B 254 8.31 -0.26 -2.21
CA ASN B 254 8.51 -0.33 -0.77
CA ASN B 254 8.48 -0.26 -0.77
C ASN B 254 9.77 0.44 -0.33
N LEU B 255 10.69 0.73 -1.27
CA LEU B 255 11.98 1.35 -0.94
C LEU B 255 12.40 2.17 -2.15
N TYR B 256 12.47 3.49 -2.00
CA TYR B 256 12.86 4.33 -3.12
C TYR B 256 13.39 5.67 -2.62
N ALA B 257 14.17 6.37 -3.46
CA ALA B 257 14.61 7.71 -3.13
C ALA B 257 13.53 8.69 -3.56
N VAL B 258 13.34 9.74 -2.74
CA VAL B 258 12.40 10.79 -3.09
C VAL B 258 13.16 11.95 -3.71
N PHE B 259 13.33 11.96 -5.05
CA PHE B 259 14.25 12.90 -5.71
C PHE B 259 13.62 14.28 -5.73
N THR B 260 14.43 15.31 -5.43
CA THR B 260 14.05 16.69 -5.68
C THR B 260 14.32 17.00 -7.16
N LYS B 261 13.86 18.17 -7.59
CA LYS B 261 14.13 18.63 -8.95
CA LYS B 261 14.13 18.63 -8.95
C LYS B 261 15.64 18.70 -9.18
N GLU B 262 16.36 19.26 -8.20
CA GLU B 262 17.81 19.44 -8.27
CA GLU B 262 17.79 19.45 -8.41
C GLU B 262 18.48 18.08 -8.47
N GLU B 263 17.97 17.11 -7.71
CA GLU B 263 18.52 15.76 -7.77
C GLU B 263 18.24 15.12 -9.15
N ILE B 264 17.04 15.34 -9.71
CA ILE B 264 16.75 14.81 -11.04
C ILE B 264 17.79 15.37 -12.02
N ALA B 265 18.05 16.68 -11.97
CA ALA B 265 19.01 17.28 -12.87
C ALA B 265 20.38 16.61 -12.72
N HIS B 266 20.84 16.47 -11.46
CA HIS B 266 22.16 15.86 -11.20
C HIS B 266 22.24 14.41 -11.71
N TRP B 267 21.27 13.58 -11.35
CA TRP B 267 21.38 12.13 -11.53
C TRP B 267 21.07 11.70 -12.96
N PHE B 268 20.35 12.54 -13.72
CA PHE B 268 19.83 12.13 -15.04
C PHE B 268 20.42 12.91 -16.23
N LEU B 269 20.85 14.16 -16.05
CA LEU B 269 21.25 14.85 -17.27
C LEU B 269 22.51 14.20 -17.84
N PRO B 270 22.56 13.90 -19.15
CA PRO B 270 23.61 13.02 -19.70
C PRO B 270 25.03 13.54 -19.58
N ILE B 271 25.93 12.63 -19.24
CA ILE B 271 27.36 12.92 -19.25
C ILE B 271 27.99 11.72 -19.95
N GLU B 272 28.66 11.99 -21.08
CA GLU B 272 29.24 10.93 -21.90
CA GLU B 272 29.23 10.92 -21.90
C GLU B 272 30.15 10.03 -21.05
N ASN B 273 30.04 8.72 -21.27
CA ASN B 273 30.81 7.72 -20.56
C ASN B 273 30.52 7.68 -19.05
N VAL B 274 29.37 8.24 -18.61
CA VAL B 274 29.02 8.20 -17.19
C VAL B 274 27.53 7.82 -17.08
N ILE B 275 26.65 8.74 -17.54
CA ILE B 275 25.21 8.56 -17.36
C ILE B 275 24.50 8.89 -18.68
N TYR B 276 23.60 7.98 -19.10
CA TYR B 276 22.82 8.11 -20.32
C TYR B 276 21.32 8.10 -19.97
N THR B 277 20.62 9.20 -20.32
CA THR B 277 19.20 9.20 -20.09
C THR B 277 18.51 9.61 -21.39
N TYR B 278 17.44 8.90 -21.75
CA TYR B 278 16.70 9.18 -22.98
C TYR B 278 15.22 9.36 -22.60
N VAL B 279 14.54 10.27 -23.33
CA VAL B 279 13.14 10.58 -23.06
C VAL B 279 12.33 10.55 -24.35
N ASN B 280 11.02 10.36 -24.18
CA ASN B 280 10.06 10.44 -25.26
C ASN B 280 9.09 11.55 -24.89
N GLU B 281 9.16 12.66 -25.62
CA GLU B 281 8.31 13.82 -25.38
C GLU B 281 7.20 13.82 -26.42
N GLU B 282 5.95 13.91 -25.95
CA GLU B 282 4.77 13.83 -26.80
C GLU B 282 3.84 14.94 -26.30
N ASN B 283 3.50 15.90 -27.16
CA ASN B 283 2.58 16.96 -26.79
CA ASN B 283 2.60 16.99 -26.81
C ASN B 283 3.08 17.69 -25.54
N GLY B 284 4.36 18.07 -25.51
CA GLY B 284 4.90 18.87 -24.42
C GLY B 284 5.30 18.09 -23.15
N LYS B 285 4.97 16.78 -23.09
CA LYS B 285 5.07 16.05 -21.84
CA LYS B 285 5.02 16.02 -21.86
C LYS B 285 6.00 14.86 -22.00
N ILE B 286 6.79 14.61 -20.94
CA ILE B 286 7.71 13.47 -20.98
C ILE B 286 6.90 12.23 -20.58
N LYS B 287 6.77 11.26 -21.51
CA LYS B 287 5.86 10.15 -21.29
C LYS B 287 6.61 8.82 -21.05
N ASP B 288 7.89 8.78 -21.45
CA ASP B 288 8.66 7.56 -21.21
C ASP B 288 10.12 7.98 -20.99
N MET B 289 10.88 7.11 -20.29
CA MET B 289 12.32 7.40 -20.08
C MET B 289 13.08 6.09 -19.96
N ILE B 290 14.35 6.16 -20.43
CA ILE B 290 15.32 5.07 -20.29
C ILE B 290 16.58 5.67 -19.64
N SER B 291 17.19 4.97 -18.67
CA SER B 291 18.50 5.43 -18.21
C SER B 291 19.40 4.26 -17.88
N PHE B 292 20.70 4.45 -18.11
CA PHE B 292 21.71 3.46 -17.71
C PHE B 292 23.01 4.20 -17.48
N TYR B 293 23.83 3.66 -16.56
CA TYR B 293 25.12 4.26 -16.27
C TYR B 293 26.24 3.37 -16.80
N SER B 294 27.44 3.97 -17.03
CA SER B 294 28.61 3.27 -17.54
C SER B 294 29.48 2.77 -16.38
N LEU B 295 29.74 1.45 -16.30
CA LEU B 295 30.61 0.93 -15.23
C LEU B 295 31.45 -0.15 -15.88
N PRO B 296 32.59 0.22 -16.49
CA PRO B 296 33.47 -0.79 -17.11
C PRO B 296 34.13 -1.66 -16.04
N SER B 297 34.48 -2.89 -16.43
CA SER B 297 35.34 -3.71 -15.59
C SER B 297 36.68 -3.90 -16.29
N GLN B 298 37.76 -3.79 -15.52
CA GLN B 298 39.08 -4.22 -15.97
C GLN B 298 39.12 -5.75 -16.07
N ILE B 299 39.59 -6.26 -17.21
CA ILE B 299 39.67 -7.70 -17.42
C ILE B 299 41.08 -8.13 -17.02
N LEU B 300 41.18 -9.06 -16.07
CA LEU B 300 42.48 -9.32 -15.48
C LEU B 300 43.16 -10.44 -16.26
N GLY B 301 44.36 -10.17 -16.79
CA GLY B 301 45.16 -11.14 -17.53
C GLY B 301 44.49 -11.74 -18.77
N ASN B 302 44.07 -10.86 -19.70
CA ASN B 302 43.66 -11.27 -21.04
C ASN B 302 44.51 -10.46 -22.02
N ASP B 303 45.29 -11.12 -22.88
CA ASP B 303 46.19 -10.43 -23.79
CA ASP B 303 46.18 -10.37 -23.75
C ASP B 303 45.39 -9.58 -24.78
N LYS B 304 44.17 -10.04 -25.10
CA LYS B 304 43.48 -9.38 -26.19
C LYS B 304 42.68 -8.17 -25.71
N TYR B 305 41.96 -8.34 -24.60
CA TYR B 305 41.05 -7.29 -24.14
C TYR B 305 41.45 -6.88 -22.72
N SER B 306 41.44 -5.58 -22.46
CA SER B 306 41.76 -5.10 -21.13
C SER B 306 40.50 -4.57 -20.43
N THR B 307 39.44 -4.28 -21.19
CA THR B 307 38.27 -3.62 -20.61
C THR B 307 36.99 -4.27 -21.15
N LEU B 308 36.03 -4.52 -20.25
CA LEU B 308 34.66 -4.86 -20.60
C LEU B 308 33.80 -3.63 -20.39
N ASN B 309 33.14 -3.15 -21.45
CA ASN B 309 32.33 -1.96 -21.32
C ASN B 309 30.90 -2.39 -21.02
N ALA B 310 30.38 -1.96 -19.86
CA ALA B 310 29.07 -2.45 -19.42
C ALA B 310 28.15 -1.29 -19.10
N ALA B 311 26.91 -1.38 -19.60
CA ALA B 311 25.81 -0.48 -19.24
C ALA B 311 24.99 -1.14 -18.15
N TYR B 312 24.71 -0.39 -17.09
CA TYR B 312 23.87 -0.90 -15.99
C TYR B 312 22.56 -0.14 -15.98
N SER B 313 21.48 -0.90 -16.06
CA SER B 313 20.13 -0.33 -16.02
C SER B 313 19.96 0.51 -14.75
N PHE B 314 19.35 1.70 -14.92
CA PHE B 314 19.18 2.65 -13.82
C PHE B 314 17.69 2.79 -13.52
N TYR B 315 17.02 3.81 -14.10
CA TYR B 315 15.55 3.91 -14.00
C TYR B 315 14.90 3.98 -15.39
N ASN B 316 13.82 3.19 -15.57
CA ASN B 316 13.14 3.06 -16.86
C ASN B 316 11.64 3.12 -16.60
N VAL B 317 10.92 3.98 -17.32
CA VAL B 317 9.47 4.15 -17.10
C VAL B 317 8.81 4.24 -18.48
N THR B 318 7.70 3.51 -18.66
CA THR B 318 6.93 3.66 -19.89
C THR B 318 5.44 3.89 -19.59
N THR B 319 4.87 4.86 -20.31
CA THR B 319 3.42 5.02 -20.37
C THR B 319 2.86 4.90 -21.80
N THR B 320 3.71 4.76 -22.83
CA THR B 320 3.20 4.71 -24.21
C THR B 320 3.51 3.39 -24.91
N ALA B 321 4.20 2.48 -24.21
CA ALA B 321 4.69 1.23 -24.77
C ALA B 321 4.58 0.15 -23.70
N THR B 322 4.90 -1.11 -24.05
CA THR B 322 5.05 -2.10 -22.99
C THR B 322 6.45 -2.02 -22.36
N PHE B 323 6.57 -2.51 -21.11
CA PHE B 323 7.87 -2.50 -20.45
C PHE B 323 8.89 -3.29 -21.27
N LYS B 324 8.47 -4.42 -21.86
CA LYS B 324 9.35 -5.18 -22.73
CA LYS B 324 9.35 -5.18 -22.73
C LYS B 324 9.83 -4.33 -23.90
N GLN B 325 8.93 -3.58 -24.56
CA GLN B 325 9.35 -2.71 -25.68
C GLN B 325 10.33 -1.61 -25.24
N LEU B 326 10.06 -1.08 -24.05
CA LEU B 326 10.92 -0.04 -23.49
C LEU B 326 12.34 -0.60 -23.28
N MET B 327 12.42 -1.75 -22.62
CA MET B 327 13.73 -2.30 -22.28
C MET B 327 14.41 -2.83 -23.55
N GLN B 328 13.63 -3.20 -24.58
CA GLN B 328 14.27 -3.53 -25.83
C GLN B 328 14.99 -2.29 -26.39
N ASP B 329 14.32 -1.14 -26.32
CA ASP B 329 14.95 0.09 -26.74
C ASP B 329 16.15 0.42 -25.87
N ALA B 330 16.09 0.07 -24.59
CA ALA B 330 17.20 0.36 -23.70
C ALA B 330 18.43 -0.44 -24.13
N ILE B 331 18.24 -1.74 -24.45
CA ILE B 331 19.34 -2.55 -24.96
C ILE B 331 19.93 -1.94 -26.23
N LEU B 332 19.04 -1.47 -27.13
CA LEU B 332 19.50 -0.96 -28.42
C LEU B 332 20.31 0.31 -28.20
N LEU B 333 19.84 1.17 -27.30
CA LEU B 333 20.55 2.41 -27.04
C LEU B 333 21.93 2.12 -26.43
N ALA B 334 21.98 1.13 -25.53
CA ALA B 334 23.30 0.69 -25.05
C ALA B 334 24.19 0.21 -26.22
N LYS B 335 23.67 -0.58 -27.15
CA LYS B 335 24.47 -1.08 -28.25
C LYS B 335 24.99 0.09 -29.09
N ARG B 336 24.12 1.09 -29.32
CA ARG B 336 24.50 2.25 -30.12
C ARG B 336 25.62 3.07 -29.45
N ASN B 337 25.71 2.99 -28.11
CA ASN B 337 26.75 3.66 -27.36
C ASN B 337 27.98 2.80 -27.08
N ASN B 338 28.14 1.68 -27.81
CA ASN B 338 29.34 0.86 -27.83
C ASN B 338 29.50 0.04 -26.54
N PHE B 339 28.39 -0.31 -25.86
CA PHE B 339 28.53 -1.19 -24.68
C PHE B 339 28.54 -2.64 -25.14
N ASP B 340 29.23 -3.49 -24.36
CA ASP B 340 29.42 -4.89 -24.71
C ASP B 340 28.29 -5.73 -24.12
N VAL B 341 27.68 -5.21 -23.03
CA VAL B 341 26.72 -6.00 -22.27
C VAL B 341 25.82 -5.03 -21.52
N PHE B 342 24.60 -5.48 -21.20
CA PHE B 342 23.61 -4.65 -20.50
C PHE B 342 23.18 -5.40 -19.25
N ASN B 343 23.35 -4.79 -18.08
CA ASN B 343 23.21 -5.49 -16.79
C ASN B 343 22.00 -4.93 -16.05
N ALA B 344 21.18 -5.82 -15.48
CA ALA B 344 20.04 -5.32 -14.71
C ALA B 344 19.81 -6.23 -13.49
N LEU B 345 19.27 -5.64 -12.41
CA LEU B 345 18.85 -6.40 -11.23
C LEU B 345 17.36 -6.71 -11.36
N GLU B 346 16.90 -7.76 -10.65
CA GLU B 346 15.47 -8.13 -10.60
C GLU B 346 14.70 -7.20 -9.67
N VAL B 347 14.87 -5.89 -9.86
CA VAL B 347 14.12 -4.89 -9.10
C VAL B 347 13.06 -4.25 -10.00
N MET B 348 12.13 -3.51 -9.37
CA MET B 348 11.07 -2.83 -10.11
C MET B 348 10.37 -3.83 -11.03
N GLN B 349 10.13 -3.50 -12.32
CA GLN B 349 9.43 -4.41 -13.22
C GLN B 349 10.41 -5.27 -14.03
N ASN B 350 11.71 -5.30 -13.66
CA ASN B 350 12.72 -5.80 -14.58
C ASN B 350 12.58 -7.30 -14.84
N LYS B 351 12.29 -8.12 -13.81
CA LYS B 351 12.34 -9.58 -13.98
CA LYS B 351 12.38 -9.56 -14.01
C LYS B 351 11.40 -10.04 -15.09
N SER B 352 10.30 -9.30 -15.27
CA SER B 352 9.22 -9.69 -16.18
C SER B 352 9.68 -9.72 -17.63
N VAL B 353 10.81 -9.04 -17.95
CA VAL B 353 11.24 -8.98 -19.34
C VAL B 353 12.49 -9.81 -19.60
N PHE B 354 13.07 -10.41 -18.56
CA PHE B 354 14.38 -11.04 -18.71
C PHE B 354 14.36 -12.23 -19.67
N GLU B 355 13.34 -13.09 -19.59
N GLU B 355 13.34 -13.10 -19.59
CA GLU B 355 13.33 -14.24 -20.47
CA GLU B 355 13.33 -14.25 -20.48
C GLU B 355 13.13 -13.83 -21.93
C GLU B 355 13.12 -13.83 -21.94
N ASP B 356 12.10 -13.01 -22.19
CA ASP B 356 11.77 -12.62 -23.56
C ASP B 356 12.90 -11.81 -24.20
N LEU B 357 13.65 -11.03 -23.39
CA LEU B 357 14.74 -10.22 -23.93
C LEU B 357 16.12 -10.90 -23.86
N LYS B 358 16.15 -12.20 -23.56
CA LYS B 358 17.33 -13.03 -23.71
C LYS B 358 18.43 -12.63 -22.71
N PHE B 359 18.03 -12.16 -21.52
CA PHE B 359 18.97 -12.00 -20.43
C PHE B 359 19.31 -13.37 -19.84
N GLY B 360 20.58 -13.55 -19.42
CA GLY B 360 20.96 -14.77 -18.70
C GLY B 360 21.19 -14.45 -17.22
N GLU B 361 20.78 -15.38 -16.35
CA GLU B 361 20.96 -15.21 -14.92
C GLU B 361 22.43 -15.21 -14.59
N GLY B 362 22.85 -14.26 -13.75
CA GLY B 362 24.24 -14.21 -13.29
C GLY B 362 24.53 -15.22 -12.18
N ASP B 363 25.58 -14.97 -11.39
CA ASP B 363 26.13 -15.91 -10.43
CA ASP B 363 25.87 -16.00 -10.41
C ASP B 363 25.94 -15.47 -8.97
N GLY B 364 25.22 -14.38 -8.75
CA GLY B 364 25.07 -13.93 -7.37
C GLY B 364 24.01 -12.81 -7.29
N SER B 365 23.99 -12.11 -6.15
CA SER B 365 22.91 -11.15 -5.95
C SER B 365 23.44 -9.94 -5.17
N LEU B 366 22.73 -8.82 -5.31
CA LEU B 366 23.03 -7.61 -4.53
C LEU B 366 21.99 -7.48 -3.41
N LYS B 367 22.52 -7.41 -2.18
CA LYS B 367 21.69 -7.27 -0.99
C LYS B 367 21.50 -5.79 -0.65
N TYR B 368 20.27 -5.42 -0.30
CA TYR B 368 19.96 -4.06 0.13
C TYR B 368 19.87 -4.06 1.66
N TYR B 369 20.44 -2.99 2.27
CA TYR B 369 20.53 -2.91 3.71
C TYR B 369 20.08 -1.54 4.16
N LEU B 370 19.51 -1.49 5.38
CA LEU B 370 19.36 -0.24 6.11
C LEU B 370 20.09 -0.32 7.46
N TYR B 371 20.60 0.83 7.87
CA TYR B 371 21.29 1.00 9.15
C TYR B 371 20.37 1.73 10.10
N ASN B 372 20.19 1.16 11.31
CA ASN B 372 19.33 1.71 12.36
C ASN B 372 17.85 1.84 11.91
N TRP B 373 17.32 0.74 11.33
CA TRP B 373 15.95 0.71 10.83
C TRP B 373 15.42 -0.70 10.86
N LYS B 374 14.31 -0.89 11.61
CA LYS B 374 13.69 -2.19 11.66
CA LYS B 374 13.60 -2.14 11.79
C LYS B 374 12.38 -2.16 10.88
N CYS B 375 12.22 -3.18 10.02
CA CYS B 375 11.05 -3.26 9.14
C CYS B 375 10.99 -4.66 8.54
N ALA B 376 9.84 -4.94 7.92
CA ALA B 376 9.71 -6.20 7.19
C ALA B 376 10.60 -6.21 5.94
N SER B 377 11.12 -7.41 5.62
CA SER B 377 11.81 -7.60 4.36
C SER B 377 10.81 -7.87 3.23
N PHE B 378 11.27 -7.74 1.98
CA PHE B 378 10.36 -7.91 0.85
C PHE B 378 11.11 -8.45 -0.37
N ALA B 379 10.33 -9.02 -1.32
CA ALA B 379 10.80 -9.45 -2.63
C ALA B 379 11.34 -8.25 -3.39
N PRO B 380 12.39 -8.48 -4.22
CA PRO B 380 13.06 -7.37 -4.90
C PRO B 380 12.21 -6.62 -5.95
N ALA B 381 11.07 -7.21 -6.40
CA ALA B 381 10.18 -6.47 -7.29
C ALA B 381 9.65 -5.21 -6.57
N HIS B 382 9.72 -5.22 -5.23
CA HIS B 382 9.24 -4.11 -4.43
C HIS B 382 10.34 -3.08 -4.16
N VAL B 383 11.56 -3.37 -4.65
CA VAL B 383 12.67 -2.41 -4.52
C VAL B 383 12.60 -1.43 -5.68
N GLY B 384 12.65 -0.11 -5.36
CA GLY B 384 12.61 0.93 -6.38
C GLY B 384 13.81 1.87 -6.32
N ILE B 385 14.96 1.32 -5.94
CA ILE B 385 16.19 2.13 -5.90
C ILE B 385 17.35 1.31 -6.45
N VAL B 386 18.23 1.97 -7.22
CA VAL B 386 19.46 1.41 -7.77
C VAL B 386 20.62 2.27 -7.27
N LEU B 387 21.56 1.66 -6.54
CA LEU B 387 22.77 2.33 -6.04
CA LEU B 387 22.75 2.37 -6.07
C LEU B 387 23.91 2.10 -7.02
N LEU B 388 24.76 3.10 -7.22
CA LEU B 388 25.80 2.99 -8.24
C LEU B 388 26.87 1.98 -7.84
N ASP C 5 -35.16 13.25 1.08
CA ASP C 5 -34.18 12.24 0.56
C ASP C 5 -32.95 12.95 0.01
N TYR C 6 -32.56 14.05 0.66
CA TYR C 6 -31.32 14.77 0.43
C TYR C 6 -31.13 15.22 -1.02
N LYS C 7 -32.11 15.96 -1.55
CA LYS C 7 -32.04 16.45 -2.92
C LYS C 7 -30.89 17.44 -3.07
N PHE C 8 -30.61 18.26 -2.04
CA PHE C 8 -29.42 19.11 -2.11
C PHE C 8 -28.14 18.31 -1.85
N TRP C 9 -28.08 17.59 -0.71
CA TRP C 9 -26.84 16.93 -0.32
C TRP C 9 -26.32 15.97 -1.39
N TYR C 10 -27.23 15.35 -2.16
CA TYR C 10 -26.98 14.36 -3.22
CA TYR C 10 -26.78 14.34 -3.11
C TYR C 10 -26.18 14.98 -4.37
N THR C 11 -26.30 16.30 -4.56
CA THR C 11 -25.55 16.98 -5.62
C THR C 11 -24.12 17.29 -5.18
N GLN C 12 -23.78 17.03 -3.90
CA GLN C 12 -22.51 17.50 -3.33
C GLN C 12 -21.51 16.35 -3.26
N PRO C 13 -20.18 16.64 -3.24
CA PRO C 13 -19.17 15.61 -3.07
C PRO C 13 -19.06 15.13 -1.61
N VAL C 14 -20.11 14.41 -1.16
CA VAL C 14 -20.17 13.78 0.16
C VAL C 14 -20.66 12.35 -0.07
N PRO C 15 -20.50 11.42 0.90
CA PRO C 15 -20.95 10.03 0.69
C PRO C 15 -22.47 9.98 0.61
N LYS C 16 -23.00 8.99 -0.11
CA LYS C 16 -24.42 8.66 -0.04
C LYS C 16 -24.69 7.97 1.31
N ILE C 17 -25.96 7.92 1.71
CA ILE C 17 -26.34 7.64 3.08
C ILE C 17 -26.01 6.20 3.49
N ASN C 18 -25.74 5.32 2.52
CA ASN C 18 -25.48 3.90 2.79
C ASN C 18 -24.03 3.51 2.48
N ASP C 19 -23.24 4.48 1.98
CA ASP C 19 -21.84 4.26 1.63
C ASP C 19 -21.04 3.86 2.86
N GLU C 20 -20.13 2.88 2.68
CA GLU C 20 -19.12 2.52 3.66
C GLU C 20 -17.81 2.37 2.90
N PHE C 21 -16.67 2.58 3.57
CA PHE C 21 -15.41 2.61 2.86
C PHE C 21 -14.38 1.80 3.64
N ASN C 22 -13.46 1.17 2.89
CA ASN C 22 -12.38 0.37 3.46
C ASN C 22 -11.44 1.25 4.28
N GLU C 23 -10.72 0.63 5.24
CA GLU C 23 -9.80 1.35 6.11
CA GLU C 23 -9.75 1.29 6.11
C GLU C 23 -8.71 2.05 5.28
N SER C 24 -8.48 1.59 4.05
CA SER C 24 -7.38 2.17 3.28
C SER C 24 -7.80 3.43 2.50
N VAL C 25 -9.11 3.65 2.35
CA VAL C 25 -9.59 4.74 1.49
C VAL C 25 -9.47 6.04 2.27
N ASN C 26 -8.80 7.03 1.70
CA ASN C 26 -8.56 8.29 2.41
C ASN C 26 -8.15 9.34 1.39
N GLU C 27 -9.14 9.94 0.71
CA GLU C 27 -8.86 10.81 -0.43
C GLU C 27 -10.09 11.67 -0.73
N PRO C 28 -9.97 12.75 -1.54
CA PRO C 28 -11.16 13.52 -1.92
C PRO C 28 -12.12 12.74 -2.80
N PHE C 29 -13.37 13.16 -2.84
CA PHE C 29 -14.26 12.69 -3.89
C PHE C 29 -13.85 13.27 -5.23
N ILE C 30 -13.49 14.57 -5.23
CA ILE C 30 -13.12 15.31 -6.43
C ILE C 30 -11.75 15.96 -6.21
N SER C 31 -10.76 15.58 -7.04
CA SER C 31 -9.41 16.12 -7.02
CA SER C 31 -9.43 16.16 -7.00
C SER C 31 -9.16 16.95 -8.28
N ASP C 32 -7.98 17.58 -8.35
CA ASP C 32 -7.58 18.35 -9.52
C ASP C 32 -8.52 19.56 -9.70
N ASN C 33 -8.91 20.18 -8.59
CA ASN C 33 -9.76 21.35 -8.58
C ASN C 33 -8.92 22.55 -9.01
N LYS C 34 -9.53 23.54 -9.66
CA LYS C 34 -8.77 24.71 -10.11
C LYS C 34 -9.43 26.01 -9.68
N VAL C 35 -8.68 26.84 -8.97
CA VAL C 35 -9.19 28.13 -8.51
C VAL C 35 -9.67 28.97 -9.67
N GLU C 36 -8.99 28.89 -10.82
CA GLU C 36 -9.36 29.72 -11.96
CA GLU C 36 -9.34 29.69 -12.00
C GLU C 36 -10.76 29.37 -12.48
N ASP C 37 -11.26 28.15 -12.21
CA ASP C 37 -12.56 27.75 -12.73
C ASP C 37 -13.71 28.04 -11.77
N VAL C 38 -13.40 28.48 -10.53
CA VAL C 38 -14.42 28.75 -9.51
C VAL C 38 -15.34 29.88 -9.96
N ARG C 39 -16.65 29.69 -9.75
CA ARG C 39 -17.60 30.77 -9.98
C ARG C 39 -17.18 32.08 -9.31
N LYS C 40 -17.19 33.19 -10.08
CA LYS C 40 -16.77 34.47 -9.53
C LYS C 40 -17.98 35.28 -9.07
N ASP C 41 -19.19 34.82 -9.42
CA ASP C 41 -20.47 35.45 -9.11
C ASP C 41 -21.07 34.89 -7.82
N GLU C 42 -21.53 35.80 -6.94
CA GLU C 42 -22.29 35.39 -5.75
C GLU C 42 -23.58 34.66 -6.15
N TYR C 43 -23.93 33.63 -5.35
CA TYR C 43 -25.16 32.88 -5.56
C TYR C 43 -26.36 33.82 -5.42
N LYS C 44 -27.43 33.47 -6.16
CA LYS C 44 -28.60 34.33 -6.19
C LYS C 44 -29.48 34.11 -4.96
N LEU C 45 -29.98 35.22 -4.42
CA LEU C 45 -30.93 35.19 -3.32
C LEU C 45 -32.30 35.60 -3.87
N PRO C 46 -33.39 35.30 -3.11
CA PRO C 46 -34.73 35.79 -3.43
C PRO C 46 -34.84 37.32 -3.43
N PRO C 47 -35.87 37.86 -4.10
CA PRO C 47 -36.02 39.31 -4.24
C PRO C 47 -36.12 39.96 -2.87
N GLY C 48 -35.30 41.01 -2.71
CA GLY C 48 -35.27 41.78 -1.48
C GLY C 48 -34.31 41.26 -0.41
N TYR C 49 -33.58 40.18 -0.70
CA TYR C 49 -32.51 39.72 0.18
C TYR C 49 -31.14 39.99 -0.43
N SER C 50 -30.16 40.34 0.43
CA SER C 50 -28.83 40.78 0.01
CA SER C 50 -28.82 40.70 -0.05
C SER C 50 -27.73 40.09 0.80
N TRP C 51 -26.61 39.78 0.13
CA TRP C 51 -25.41 39.35 0.84
C TRP C 51 -24.87 40.53 1.64
N TYR C 52 -24.27 40.26 2.82
CA TYR C 52 -23.70 41.28 3.67
C TYR C 52 -22.32 40.85 4.15
N VAL C 53 -21.35 41.78 4.11
CA VAL C 53 -20.01 41.46 4.58
C VAL C 53 -19.98 41.76 6.08
N CYS C 54 -20.03 40.71 6.90
CA CYS C 54 -20.07 40.92 8.34
C CYS C 54 -18.64 41.17 8.80
N ASP C 55 -18.39 42.33 9.47
CA ASP C 55 -17.09 42.63 10.05
C ASP C 55 -17.16 42.30 11.54
N VAL C 56 -16.68 41.12 11.94
N VAL C 56 -16.62 41.14 11.90
CA VAL C 56 -16.92 40.70 13.32
CA VAL C 56 -16.78 40.60 13.24
C VAL C 56 -16.14 41.58 14.31
C VAL C 56 -16.08 41.48 14.28
N LYS C 57 -15.07 42.25 13.85
CA LYS C 57 -14.35 43.16 14.75
C LYS C 57 -15.10 44.47 14.99
N ASP C 58 -16.11 44.76 14.15
CA ASP C 58 -16.98 45.91 14.31
C ASP C 58 -18.08 45.60 15.35
N GLU C 59 -18.18 46.44 16.39
CA GLU C 59 -19.09 46.12 17.48
CA GLU C 59 -19.10 46.19 17.50
C GLU C 59 -20.53 46.04 16.98
N LYS C 60 -20.91 46.91 16.03
CA LYS C 60 -22.26 46.91 15.52
C LYS C 60 -22.57 45.65 14.70
N ASP C 61 -21.67 45.27 13.79
CA ASP C 61 -21.93 44.06 13.01
C ASP C 61 -21.97 42.85 13.94
N ARG C 62 -21.05 42.84 14.92
CA ARG C 62 -20.95 41.74 15.87
C ARG C 62 -22.26 41.60 16.67
N SER C 63 -22.83 42.74 17.08
CA SER C 63 -24.07 42.73 17.85
CA SER C 63 -24.07 42.73 17.85
C SER C 63 -25.23 42.18 17.01
N GLU C 64 -25.22 42.51 15.70
CA GLU C 64 -26.24 41.99 14.76
C GLU C 64 -26.17 40.45 14.73
N ILE C 65 -24.96 39.90 14.59
CA ILE C 65 -24.78 38.46 14.54
C ILE C 65 -25.29 37.88 15.86
N TYR C 66 -24.85 38.50 16.97
CA TYR C 66 -25.25 38.04 18.31
C TYR C 66 -26.77 37.91 18.41
N THR C 67 -27.50 38.94 17.96
CA THR C 67 -28.96 38.94 18.10
C THR C 67 -29.58 37.86 17.20
N LEU C 68 -29.10 37.75 15.96
CA LEU C 68 -29.62 36.72 15.08
C LEU C 68 -29.52 35.35 15.76
N LEU C 69 -28.34 34.98 16.27
CA LEU C 69 -28.19 33.66 16.90
C LEU C 69 -29.00 33.56 18.20
N THR C 70 -29.02 34.63 18.99
CA THR C 70 -29.73 34.55 20.26
C THR C 70 -31.18 34.18 20.00
N ASP C 71 -31.75 34.71 18.90
CA ASP C 71 -33.18 34.53 18.64
C ASP C 71 -33.47 33.27 17.83
N ASN C 72 -32.51 32.88 16.98
CA ASN C 72 -32.84 31.84 15.98
C ASN C 72 -31.86 30.66 15.90
N TYR C 73 -30.92 30.51 16.84
CA TYR C 73 -29.93 29.39 16.75
C TYR C 73 -30.50 28.07 17.33
N VAL C 74 -29.63 27.08 17.49
CA VAL C 74 -29.92 25.70 17.93
C VAL C 74 -30.71 25.64 19.23
N GLU C 75 -31.82 24.91 19.17
CA GLU C 75 -32.58 24.57 20.37
C GLU C 75 -32.49 23.06 20.56
N ASP C 76 -32.72 22.58 21.79
CA ASP C 76 -32.73 21.14 22.01
C ASP C 76 -33.97 20.52 21.35
N ASP C 77 -34.04 19.18 21.39
CA ASP C 77 -35.10 18.45 20.68
C ASP C 77 -36.49 18.82 21.22
N ASP C 78 -36.58 19.31 22.46
CA ASP C 78 -37.85 19.65 23.09
C ASP C 78 -38.10 21.16 23.19
N ASN C 79 -37.21 21.97 22.61
CA ASN C 79 -37.45 23.40 22.51
C ASN C 79 -37.56 24.05 23.88
N ILE C 80 -36.71 23.63 24.83
CA ILE C 80 -36.68 24.16 26.18
C ILE C 80 -35.55 25.19 26.29
N PHE C 81 -34.44 24.96 25.55
CA PHE C 81 -33.25 25.80 25.68
C PHE C 81 -32.79 26.22 24.29
N ARG C 82 -32.19 27.41 24.19
CA ARG C 82 -31.59 27.82 22.92
CA ARG C 82 -31.59 27.81 22.92
C ARG C 82 -30.19 28.34 23.19
N PHE C 83 -29.20 27.83 22.42
CA PHE C 83 -27.85 28.32 22.64
C PHE C 83 -27.81 29.85 22.58
N ASN C 84 -26.97 30.43 23.44
CA ASN C 84 -26.84 31.87 23.56
C ASN C 84 -25.35 32.25 23.61
N TYR C 85 -24.64 31.98 22.53
CA TYR C 85 -23.23 32.39 22.44
C TYR C 85 -23.13 33.90 22.64
N SER C 86 -22.16 34.36 23.45
CA SER C 86 -22.01 35.78 23.71
C SER C 86 -21.34 36.49 22.53
N ALA C 87 -21.48 37.81 22.49
CA ALA C 87 -20.78 38.58 21.48
C ALA C 87 -19.28 38.39 21.60
N GLU C 88 -18.77 38.29 22.85
CA GLU C 88 -17.33 38.21 23.04
C GLU C 88 -16.87 36.83 22.58
N PHE C 89 -17.72 35.82 22.81
CA PHE C 89 -17.42 34.47 22.38
C PHE C 89 -17.31 34.42 20.84
N LEU C 90 -18.26 35.09 20.18
CA LEU C 90 -18.29 35.13 18.71
C LEU C 90 -17.02 35.79 18.16
N LEU C 91 -16.54 36.87 18.80
CA LEU C 91 -15.32 37.53 18.38
C LEU C 91 -14.15 36.54 18.42
N TRP C 92 -14.05 35.77 19.51
CA TRP C 92 -12.98 34.79 19.69
C TRP C 92 -13.08 33.64 18.68
N ALA C 93 -14.30 33.11 18.51
CA ALA C 93 -14.54 31.95 17.64
C ALA C 93 -14.20 32.24 16.17
N LEU C 94 -14.34 33.49 15.73
CA LEU C 94 -14.32 33.84 14.30
C LEU C 94 -13.01 34.53 13.86
N THR C 95 -12.15 34.92 14.81
CA THR C 95 -10.98 35.73 14.47
C THR C 95 -9.69 35.02 14.84
N SER C 96 -9.70 33.70 14.64
CA SER C 96 -8.54 32.86 14.87
C SER C 96 -7.46 33.14 13.82
N PRO C 97 -6.22 32.64 13.97
CA PRO C 97 -5.12 33.00 13.06
C PRO C 97 -5.44 32.75 11.59
N ASN C 98 -5.14 33.77 10.77
CA ASN C 98 -5.28 33.74 9.31
C ASN C 98 -6.74 33.62 8.86
N TYR C 99 -7.67 34.05 9.72
CA TYR C 99 -9.07 34.01 9.35
C TYR C 99 -9.33 34.90 8.13
N LEU C 100 -10.36 34.56 7.36
CA LEU C 100 -10.70 35.31 6.15
C LEU C 100 -11.97 36.08 6.43
N LYS C 101 -11.97 37.41 6.18
CA LYS C 101 -13.15 38.22 6.36
CA LYS C 101 -13.16 38.20 6.37
C LYS C 101 -14.25 37.81 5.37
N THR C 102 -13.86 37.22 4.25
CA THR C 102 -14.77 36.82 3.20
C THR C 102 -15.62 35.61 3.63
N TRP C 103 -15.17 34.90 4.69
CA TRP C 103 -15.84 33.70 5.15
C TRP C 103 -16.76 33.98 6.35
N HIS C 104 -17.04 35.25 6.63
CA HIS C 104 -18.07 35.63 7.59
C HIS C 104 -19.24 36.26 6.83
N ILE C 105 -20.26 35.43 6.56
CA ILE C 105 -21.26 35.74 5.54
C ILE C 105 -22.64 35.98 6.15
N GLY C 106 -23.17 37.20 5.96
CA GLY C 106 -24.53 37.56 6.38
C GLY C 106 -25.49 37.63 5.19
N VAL C 107 -26.79 37.49 5.49
CA VAL C 107 -27.82 37.81 4.51
C VAL C 107 -28.78 38.75 5.22
N LYS C 108 -29.04 39.88 4.56
CA LYS C 108 -29.93 40.87 5.15
C LYS C 108 -31.23 40.87 4.39
N TYR C 109 -32.33 41.23 5.08
CA TYR C 109 -33.58 41.55 4.38
C TYR C 109 -33.58 43.05 4.09
N ASP C 110 -33.67 43.44 2.80
CA ASP C 110 -33.45 44.85 2.47
C ASP C 110 -34.52 45.75 3.11
N ALA C 111 -35.75 45.24 3.27
CA ALA C 111 -36.83 46.03 3.85
C ALA C 111 -36.49 46.53 5.25
N SER C 112 -35.74 45.74 6.04
CA SER C 112 -35.53 46.03 7.46
C SER C 112 -34.07 46.36 7.75
N ASN C 113 -33.17 46.01 6.83
CA ASN C 113 -31.75 46.17 7.08
C ASN C 113 -31.34 45.35 8.31
N LYS C 114 -31.98 44.18 8.48
CA LYS C 114 -31.65 43.27 9.59
C LYS C 114 -31.07 41.98 8.99
N LEU C 115 -30.23 41.27 9.76
CA LEU C 115 -29.71 39.97 9.38
CA LEU C 115 -29.70 39.97 9.36
C LEU C 115 -30.81 38.94 9.52
N ILE C 116 -30.98 38.07 8.51
CA ILE C 116 -31.95 36.99 8.60
C ILE C 116 -31.20 35.69 8.38
N GLY C 117 -29.89 35.79 8.08
CA GLY C 117 -29.13 34.56 7.86
C GLY C 117 -27.62 34.79 8.03
N PHE C 118 -26.88 33.71 8.32
CA PHE C 118 -25.46 33.79 8.63
C PHE C 118 -24.84 32.42 8.40
N ILE C 119 -23.59 32.43 7.91
CA ILE C 119 -22.79 31.21 7.93
C ILE C 119 -21.34 31.65 8.07
N SER C 120 -20.49 30.82 8.67
CA SER C 120 -19.09 31.24 8.81
C SER C 120 -18.16 30.05 8.58
N ALA C 121 -16.88 30.36 8.34
CA ALA C 121 -15.85 29.34 8.38
C ALA C 121 -14.55 29.97 8.82
N ILE C 122 -13.65 29.15 9.38
CA ILE C 122 -12.29 29.57 9.70
C ILE C 122 -11.37 28.48 9.17
N PRO C 123 -10.15 28.84 8.75
CA PRO C 123 -9.22 27.83 8.19
C PRO C 123 -8.37 27.12 9.23
N THR C 124 -8.18 25.80 9.07
CA THR C 124 -7.19 25.15 9.92
C THR C 124 -6.72 23.85 9.26
N ASP C 125 -5.63 23.31 9.79
CA ASP C 125 -5.04 22.09 9.23
C ASP C 125 -5.70 20.95 9.99
N ILE C 126 -6.33 20.00 9.25
CA ILE C 126 -7.00 18.86 9.86
C ILE C 126 -6.25 17.61 9.42
N CYS C 127 -5.92 16.78 10.41
CA CYS C 127 -5.34 15.47 10.15
C CYS C 127 -6.44 14.42 10.18
N ILE C 128 -6.71 13.80 9.01
CA ILE C 128 -7.70 12.73 8.97
C ILE C 128 -6.98 11.44 8.58
N HIS C 129 -7.08 10.40 9.42
CA HIS C 129 -6.42 9.13 9.14
CA HIS C 129 -6.42 9.12 9.15
C HIS C 129 -4.97 9.36 8.72
N LYS C 130 -4.26 10.23 9.47
CA LYS C 130 -2.83 10.49 9.29
C LYS C 130 -2.46 11.32 8.05
N ARG C 131 -3.45 11.87 7.29
CA ARG C 131 -3.13 12.81 6.23
C ARG C 131 -3.55 14.22 6.66
N THR C 132 -2.64 15.19 6.54
CA THR C 132 -2.96 16.56 6.94
C THR C 132 -3.43 17.37 5.73
N ILE C 133 -4.64 17.97 5.83
CA ILE C 133 -5.27 18.65 4.71
C ILE C 133 -5.67 20.05 5.20
N LYS C 134 -5.33 21.06 4.42
CA LYS C 134 -5.93 22.40 4.75
CA LYS C 134 -5.99 22.44 4.72
C LYS C 134 -7.51 22.46 4.51
N MET C 135 -8.24 22.75 5.61
CA MET C 135 -9.69 22.68 5.54
C MET C 135 -10.33 23.97 6.07
N ALA C 136 -11.57 24.24 5.65
CA ALA C 136 -12.45 25.18 6.32
C ALA C 136 -13.26 24.47 7.42
N GLU C 137 -13.33 25.11 8.61
CA GLU C 137 -14.18 24.65 9.69
C GLU C 137 -15.47 25.49 9.69
N VAL C 138 -16.61 24.86 9.35
CA VAL C 138 -17.84 25.61 9.11
C VAL C 138 -18.71 25.57 10.37
N ASN C 139 -19.29 26.72 10.72
CA ASN C 139 -20.03 26.79 11.97
C ASN C 139 -20.97 27.99 11.90
N PHE C 140 -21.96 27.97 12.79
CA PHE C 140 -22.89 29.10 12.95
C PHE C 140 -23.84 29.28 11.78
N LEU C 141 -24.18 28.22 11.04
CA LEU C 141 -25.20 28.36 10.00
C LEU C 141 -26.55 28.67 10.66
N CYS C 142 -27.24 29.73 10.22
CA CYS C 142 -28.48 30.10 10.88
C CYS C 142 -29.39 30.82 9.89
N VAL C 143 -30.66 30.39 9.82
CA VAL C 143 -31.69 31.10 9.07
C VAL C 143 -32.78 31.48 10.07
N HIS C 144 -33.30 32.70 9.94
CA HIS C 144 -34.34 33.24 10.80
C HIS C 144 -35.52 32.28 10.87
N LYS C 145 -36.13 32.15 12.07
CA LYS C 145 -37.25 31.24 12.28
C LYS C 145 -38.41 31.49 11.32
N THR C 146 -38.61 32.75 10.88
CA THR C 146 -39.72 33.06 9.98
C THR C 146 -39.44 32.62 8.54
N LEU C 147 -38.22 32.20 8.22
CA LEU C 147 -37.86 31.88 6.84
C LEU C 147 -37.40 30.44 6.66
N ARG C 148 -37.79 29.55 7.57
CA ARG C 148 -37.41 28.13 7.47
C ARG C 148 -38.10 27.38 6.32
N SER C 149 -37.43 26.31 5.86
CA SER C 149 -37.92 25.39 4.83
C SER C 149 -38.20 26.11 3.51
N LYS C 150 -37.38 27.13 3.20
CA LYS C 150 -37.46 27.86 1.95
C LYS C 150 -36.20 27.62 1.09
N ARG C 151 -35.37 26.65 1.48
CA ARG C 151 -34.15 26.28 0.74
C ARG C 151 -33.15 27.44 0.74
N LEU C 152 -33.15 28.29 1.79
CA LEU C 152 -32.08 29.29 1.92
C LEU C 152 -30.80 28.65 2.42
N ALA C 153 -30.88 27.58 3.22
CA ALA C 153 -29.63 26.99 3.74
C ALA C 153 -28.69 26.48 2.63
N PRO C 154 -29.16 25.77 1.57
CA PRO C 154 -28.25 25.43 0.47
C PRO C 154 -27.58 26.63 -0.20
N VAL C 155 -28.28 27.78 -0.23
CA VAL C 155 -27.69 28.98 -0.84
C VAL C 155 -26.49 29.40 0.00
N LEU C 156 -26.66 29.49 1.32
CA LEU C 156 -25.56 29.86 2.20
CA LEU C 156 -25.57 29.86 2.20
C LEU C 156 -24.40 28.87 2.05
N ILE C 157 -24.74 27.57 1.98
CA ILE C 157 -23.69 26.57 1.95
C ILE C 157 -22.93 26.69 0.61
N LYS C 158 -23.68 26.81 -0.49
CA LYS C 158 -23.06 26.97 -1.79
C LYS C 158 -22.18 28.23 -1.88
N GLU C 159 -22.66 29.33 -1.28
CA GLU C 159 -21.87 30.56 -1.37
C GLU C 159 -20.58 30.47 -0.54
N ILE C 160 -20.66 29.89 0.67
CA ILE C 160 -19.43 29.76 1.44
C ILE C 160 -18.47 28.77 0.77
N THR C 161 -19.00 27.67 0.20
CA THR C 161 -18.14 26.76 -0.56
C THR C 161 -17.34 27.51 -1.64
N ARG C 162 -18.06 28.32 -2.42
CA ARG C 162 -17.43 29.12 -3.48
C ARG C 162 -16.28 29.97 -2.92
N ARG C 163 -16.51 30.70 -1.81
CA ARG C 163 -15.50 31.61 -1.27
C ARG C 163 -14.30 30.87 -0.65
N ILE C 164 -14.54 29.68 -0.10
CA ILE C 164 -13.49 28.79 0.37
C ILE C 164 -12.66 28.27 -0.81
N ASN C 165 -13.34 27.85 -1.88
CA ASN C 165 -12.60 27.40 -3.06
C ASN C 165 -11.70 28.48 -3.66
N LEU C 166 -12.06 29.78 -3.52
CA LEU C 166 -11.21 30.85 -4.01
C LEU C 166 -9.90 30.96 -3.22
N GLU C 167 -9.82 30.27 -2.05
CA GLU C 167 -8.59 30.13 -1.29
C GLU C 167 -7.86 28.82 -1.63
N ASN C 168 -8.30 28.12 -2.69
CA ASN C 168 -7.64 26.86 -3.09
C ASN C 168 -7.79 25.83 -1.98
N ILE C 169 -8.94 25.85 -1.31
CA ILE C 169 -9.27 24.91 -0.27
C ILE C 169 -10.53 24.18 -0.71
N TRP C 170 -10.48 22.85 -0.62
CA TRP C 170 -11.50 22.02 -1.28
C TRP C 170 -12.13 21.01 -0.31
N GLN C 171 -11.73 21.04 0.97
CA GLN C 171 -12.31 20.16 2.00
C GLN C 171 -12.80 21.03 3.17
N ALA C 172 -13.84 20.57 3.89
CA ALA C 172 -14.34 21.23 5.08
C ALA C 172 -14.64 20.20 6.19
N ILE C 173 -14.66 20.67 7.44
CA ILE C 173 -15.14 19.84 8.54
C ILE C 173 -16.29 20.60 9.14
N TYR C 174 -17.33 19.89 9.59
CA TYR C 174 -18.49 20.50 10.21
C TYR C 174 -19.15 19.46 11.13
N THR C 175 -19.93 19.94 12.10
CA THR C 175 -20.67 19.09 13.02
C THR C 175 -22.13 19.52 13.02
N ALA C 176 -23.04 18.57 13.28
CA ALA C 176 -24.45 18.92 13.42
C ALA C 176 -25.09 17.87 14.31
N GLY C 177 -26.15 18.30 14.97
CA GLY C 177 -27.00 17.37 15.72
C GLY C 177 -27.91 16.54 14.81
N VAL C 178 -28.12 17.00 13.57
CA VAL C 178 -28.99 16.27 12.66
C VAL C 178 -28.22 15.26 11.84
N TYR C 179 -28.91 14.16 11.48
CA TYR C 179 -28.37 13.10 10.63
C TYR C 179 -28.38 13.49 9.15
N LEU C 180 -27.21 13.63 8.52
CA LEU C 180 -27.05 14.02 7.13
C LEU C 180 -26.11 13.04 6.45
N PRO C 181 -25.95 13.03 5.09
CA PRO C 181 -24.96 12.17 4.44
C PRO C 181 -23.57 12.78 4.56
N LYS C 182 -22.63 12.02 5.13
CA LYS C 182 -22.86 10.91 6.06
C LYS C 182 -21.81 11.04 7.17
N PRO C 183 -22.12 10.81 8.46
CA PRO C 183 -21.10 11.05 9.49
C PRO C 183 -19.83 10.22 9.30
N VAL C 184 -18.69 10.82 9.65
CA VAL C 184 -17.44 10.09 9.79
CA VAL C 184 -17.43 10.11 9.79
C VAL C 184 -17.34 9.58 11.23
N SER C 185 -18.10 10.20 12.12
CA SER C 185 -18.20 9.71 13.50
C SER C 185 -19.40 10.35 14.18
N ASP C 186 -19.90 9.70 15.23
CA ASP C 186 -21.10 10.08 15.98
C ASP C 186 -20.73 10.06 17.48
N ALA C 187 -20.97 11.19 18.17
CA ALA C 187 -20.60 11.30 19.59
C ALA C 187 -21.79 11.73 20.43
N ARG C 188 -22.28 10.81 21.27
CA ARG C 188 -23.27 11.15 22.27
C ARG C 188 -22.74 12.18 23.26
N TYR C 189 -23.63 13.07 23.71
CA TYR C 189 -23.27 14.00 24.77
C TYR C 189 -23.80 13.55 26.13
N TYR C 190 -23.05 13.92 27.17
CA TYR C 190 -23.34 13.61 28.57
C TYR C 190 -23.21 14.88 29.42
N HIS C 191 -23.93 14.91 30.56
CA HIS C 191 -24.03 16.11 31.37
C HIS C 191 -23.69 15.79 32.81
N ARG C 192 -22.84 16.61 33.45
CA ARG C 192 -22.63 16.47 34.88
C ARG C 192 -23.28 17.63 35.64
N SER C 193 -24.31 17.37 36.47
CA SER C 193 -25.01 18.46 37.11
C SER C 193 -24.13 19.07 38.21
N ILE C 194 -24.12 20.39 38.30
CA ILE C 194 -23.44 21.14 39.35
C ILE C 194 -24.48 21.84 40.24
N ASN C 195 -25.31 22.72 39.66
CA ASN C 195 -26.33 23.40 40.44
C ASN C 195 -27.61 22.57 40.32
N VAL C 196 -27.70 21.52 41.15
CA VAL C 196 -28.69 20.47 41.00
C VAL C 196 -30.09 21.07 41.12
N LYS C 197 -30.27 21.99 42.09
CA LYS C 197 -31.59 22.58 42.35
C LYS C 197 -32.15 23.21 41.07
N LYS C 198 -31.30 23.99 40.39
CA LYS C 198 -31.75 24.75 39.23
C LYS C 198 -32.04 23.83 38.05
N LEU C 199 -31.19 22.81 37.82
CA LEU C 199 -31.36 21.87 36.73
C LEU C 199 -32.68 21.08 36.85
N ILE C 200 -33.11 20.78 38.09
CA ILE C 200 -34.39 20.12 38.28
C ILE C 200 -35.55 21.06 37.97
N GLU C 201 -35.51 22.28 38.51
CA GLU C 201 -36.57 23.26 38.29
C GLU C 201 -36.82 23.46 36.79
N ILE C 202 -35.75 23.62 36.00
CA ILE C 202 -35.91 24.05 34.61
C ILE C 202 -36.20 22.86 33.70
N GLY C 203 -36.16 21.63 34.25
CA GLY C 203 -36.47 20.43 33.47
C GLY C 203 -35.35 19.99 32.53
N PHE C 204 -34.09 20.21 32.92
CA PHE C 204 -32.93 19.92 32.10
C PHE C 204 -32.94 18.44 31.62
N VAL C 222 -19.58 18.15 46.27
CA VAL C 222 -18.21 18.00 45.69
C VAL C 222 -17.22 18.67 46.65
N GLU C 223 -16.09 18.00 46.85
CA GLU C 223 -15.05 18.52 47.72
C GLU C 223 -14.31 19.63 46.97
N ASP C 224 -14.15 20.77 47.63
CA ASP C 224 -13.52 21.95 47.04
C ASP C 224 -11.98 21.87 47.13
N THR C 225 -11.41 20.71 46.83
CA THR C 225 -9.97 20.51 46.79
C THR C 225 -9.59 19.81 45.49
N LEU C 226 -8.61 20.36 44.76
CA LEU C 226 -8.09 19.78 43.53
C LEU C 226 -7.25 18.54 43.83
N ASN C 227 -7.40 17.52 42.98
CA ASN C 227 -6.46 16.40 42.90
C ASN C 227 -5.06 16.86 42.51
N ILE C 228 -5.01 17.84 41.61
CA ILE C 228 -3.73 18.29 41.09
C ILE C 228 -3.56 19.70 41.65
N LYS C 229 -2.83 19.79 42.77
CA LYS C 229 -2.92 20.97 43.63
C LYS C 229 -2.56 22.26 42.89
N ASN C 230 -1.60 22.20 41.94
CA ASN C 230 -1.05 23.41 41.35
C ASN C 230 -1.74 23.82 40.03
N MET C 231 -2.84 23.17 39.65
CA MET C 231 -3.59 23.55 38.47
CA MET C 231 -3.61 23.55 38.48
C MET C 231 -3.98 25.03 38.58
N ARG C 232 -3.55 25.80 37.56
CA ARG C 232 -3.72 27.25 37.58
C ARG C 232 -4.05 27.78 36.18
N LEU C 233 -4.68 28.97 36.11
CA LEU C 233 -4.96 29.54 34.81
C LEU C 233 -3.70 29.64 33.98
N MET C 234 -3.86 29.33 32.68
CA MET C 234 -2.79 29.38 31.70
C MET C 234 -2.36 30.83 31.53
N LYS C 235 -1.05 31.02 31.32
N LYS C 235 -1.05 31.02 31.34
CA LYS C 235 -0.48 32.34 31.04
CA LYS C 235 -0.42 32.33 31.08
C LYS C 235 0.34 32.28 29.76
C LYS C 235 0.31 32.28 29.75
N LYS C 236 0.69 33.46 29.22
CA LYS C 236 1.39 33.52 27.94
C LYS C 236 2.65 32.68 27.89
N LYS C 237 3.42 32.64 29.00
CA LYS C 237 4.67 31.87 29.07
CA LYS C 237 4.66 31.87 29.06
C LYS C 237 4.42 30.38 28.88
N ASP C 238 3.15 29.95 29.02
CA ASP C 238 2.83 28.53 28.95
C ASP C 238 2.52 28.04 27.53
N VAL C 239 2.43 28.96 26.56
CA VAL C 239 2.02 28.59 25.20
C VAL C 239 2.87 27.44 24.64
N GLU C 240 4.22 27.58 24.70
CA GLU C 240 5.10 26.56 24.14
CA GLU C 240 5.09 26.56 24.12
C GLU C 240 4.80 25.21 24.76
N GLY C 241 4.66 25.18 26.09
CA GLY C 241 4.44 23.92 26.78
C GLY C 241 3.09 23.26 26.47
N VAL C 242 2.03 24.09 26.44
CA VAL C 242 0.72 23.59 26.01
C VAL C 242 0.79 23.08 24.57
N HIS C 243 1.51 23.79 23.70
CA HIS C 243 1.64 23.37 22.31
C HIS C 243 2.30 21.98 22.23
N LYS C 244 3.34 21.77 23.04
CA LYS C 244 4.03 20.49 23.06
CA LYS C 244 4.02 20.48 23.03
C LYS C 244 3.13 19.39 23.62
N LEU C 245 2.50 19.67 24.77
CA LEU C 245 1.70 18.63 25.43
C LEU C 245 0.49 18.24 24.59
N LEU C 246 -0.25 19.22 24.12
CA LEU C 246 -1.47 18.91 23.39
C LEU C 246 -1.16 18.34 21.99
N GLY C 247 -0.12 18.88 21.34
CA GLY C 247 0.24 18.44 20.00
C GLY C 247 0.65 16.96 19.96
N SER C 248 1.48 16.55 20.93
CA SER C 248 1.86 15.16 21.10
CA SER C 248 1.86 15.16 21.11
C SER C 248 0.64 14.30 21.42
N TYR C 249 -0.22 14.78 22.33
CA TYR C 249 -1.40 14.02 22.71
C TYR C 249 -2.35 13.79 21.54
N LEU C 250 -2.52 14.78 20.68
CA LEU C 250 -3.56 14.60 19.66
C LEU C 250 -3.16 13.63 18.54
N GLU C 251 -1.85 13.34 18.38
CA GLU C 251 -1.41 12.50 17.26
C GLU C 251 -2.01 11.09 17.26
N GLN C 252 -2.51 10.63 18.39
CA GLN C 252 -3.06 9.29 18.49
C GLN C 252 -4.41 9.18 17.77
N PHE C 253 -5.08 10.31 17.48
CA PHE C 253 -6.48 10.24 17.07
C PHE C 253 -6.58 10.17 15.56
N ASN C 254 -7.78 9.76 15.07
CA ASN C 254 -8.04 9.56 13.66
CA ASN C 254 -8.07 9.56 13.66
C ASN C 254 -8.46 10.87 12.99
N LEU C 255 -8.76 11.88 13.81
CA LEU C 255 -9.28 13.16 13.31
C LEU C 255 -8.96 14.24 14.35
N TYR C 256 -8.15 15.21 13.95
CA TYR C 256 -7.74 16.23 14.89
C TYR C 256 -7.19 17.42 14.12
N ALA C 257 -7.25 18.59 14.77
CA ALA C 257 -6.58 19.74 14.20
C ALA C 257 -5.10 19.77 14.59
N VAL C 258 -4.26 20.20 13.62
CA VAL C 258 -2.82 20.28 13.82
C VAL C 258 -2.51 21.72 14.20
N PHE C 259 -2.59 22.05 15.50
CA PHE C 259 -2.48 23.43 15.95
C PHE C 259 -1.06 23.97 15.78
N THR C 260 -0.95 25.20 15.27
CA THR C 260 0.30 25.93 15.31
C THR C 260 0.47 26.57 16.69
N LYS C 261 1.65 27.13 16.98
CA LYS C 261 1.84 27.87 18.23
CA LYS C 261 1.83 27.86 18.23
C LYS C 261 0.86 29.05 18.34
N GLU C 262 0.67 29.77 17.23
CA GLU C 262 -0.20 30.94 17.24
CA GLU C 262 -0.23 30.92 17.09
C GLU C 262 -1.64 30.49 17.50
N GLU C 263 -2.01 29.31 16.98
CA GLU C 263 -3.32 28.72 17.22
C GLU C 263 -3.49 28.29 18.68
N ILE C 264 -2.44 27.74 19.31
CA ILE C 264 -2.55 27.44 20.74
C ILE C 264 -2.81 28.73 21.53
N ALA C 265 -2.03 29.77 21.26
CA ALA C 265 -2.27 30.99 22.03
C ALA C 265 -3.71 31.48 21.83
N HIS C 266 -4.22 31.43 20.59
CA HIS C 266 -5.58 31.93 20.37
C HIS C 266 -6.62 31.08 21.07
N TRP C 267 -6.52 29.76 20.88
CA TRP C 267 -7.62 28.88 21.31
C TRP C 267 -7.59 28.60 22.81
N PHE C 268 -6.48 28.87 23.51
CA PHE C 268 -6.40 28.43 24.89
C PHE C 268 -6.11 29.57 25.87
N LEU C 269 -5.53 30.70 25.46
CA LEU C 269 -5.23 31.65 26.53
C LEU C 269 -6.55 32.16 27.09
N PRO C 270 -6.73 32.21 28.42
CA PRO C 270 -8.08 32.43 28.95
C PRO C 270 -8.68 33.80 28.68
N ILE C 271 -9.99 33.77 28.42
CA ILE C 271 -10.80 34.98 28.30
C ILE C 271 -12.03 34.73 29.16
N GLU C 272 -12.24 35.61 30.15
N GLU C 272 -12.21 35.56 30.20
CA GLU C 272 -13.34 35.42 31.08
CA GLU C 272 -13.30 35.38 31.14
C GLU C 272 -14.66 35.21 30.35
C GLU C 272 -14.63 35.22 30.41
N ASN C 273 -15.45 34.22 30.82
CA ASN C 273 -16.78 33.99 30.26
C ASN C 273 -16.75 33.48 28.80
N VAL C 274 -15.57 33.02 28.33
CA VAL C 274 -15.44 32.53 26.97
C VAL C 274 -14.64 31.23 27.01
N ILE C 275 -13.34 31.29 27.34
CA ILE C 275 -12.49 30.10 27.36
C ILE C 275 -11.68 30.11 28.66
N TYR C 276 -11.62 28.93 29.27
CA TYR C 276 -10.91 28.67 30.52
C TYR C 276 -9.92 27.56 30.27
N THR C 277 -8.62 27.83 30.53
CA THR C 277 -7.58 26.82 30.40
C THR C 277 -6.74 26.87 31.65
N TYR C 278 -6.47 25.68 32.24
CA TYR C 278 -5.64 25.56 33.43
C TYR C 278 -4.48 24.60 33.11
N VAL C 279 -3.30 24.84 33.72
CA VAL C 279 -2.14 23.99 33.46
C VAL C 279 -1.53 23.59 34.81
N ASN C 280 -0.85 22.44 34.81
CA ASN C 280 0.02 22.01 35.89
C ASN C 280 1.47 22.06 35.41
N GLU C 281 2.22 22.99 35.98
CA GLU C 281 3.62 23.21 35.65
C GLU C 281 4.47 22.58 36.73
N GLU C 282 5.35 21.66 36.32
CA GLU C 282 6.19 20.90 37.22
C GLU C 282 7.62 20.94 36.67
N ASN C 283 8.53 21.57 37.43
CA ASN C 283 9.95 21.57 37.11
C ASN C 283 10.18 22.15 35.71
N GLY C 284 9.50 23.27 35.37
CA GLY C 284 9.67 23.98 34.12
C GLY C 284 8.69 23.57 33.02
N LYS C 285 8.06 22.38 33.16
CA LYS C 285 7.37 21.73 32.04
C LYS C 285 5.84 21.73 32.27
N ILE C 286 5.04 21.89 31.19
CA ILE C 286 3.59 21.76 31.32
C ILE C 286 3.23 20.27 31.18
N LYS C 287 2.73 19.65 32.28
CA LYS C 287 2.49 18.22 32.32
C LYS C 287 1.02 17.83 32.28
N ASP C 288 0.12 18.78 32.56
CA ASP C 288 -1.31 18.44 32.56
C ASP C 288 -2.08 19.71 32.18
N MET C 289 -3.22 19.54 31.50
CA MET C 289 -4.01 20.72 31.13
C MET C 289 -5.49 20.37 31.19
N ILE C 290 -6.32 21.37 31.53
CA ILE C 290 -7.78 21.29 31.50
C ILE C 290 -8.27 22.47 30.67
N SER C 291 -9.31 22.28 29.85
CA SER C 291 -9.94 23.44 29.22
C SER C 291 -11.43 23.17 28.99
N PHE C 292 -12.22 24.24 29.08
CA PHE C 292 -13.65 24.20 28.78
C PHE C 292 -14.05 25.60 28.34
N TYR C 293 -15.05 25.67 27.46
CA TYR C 293 -15.59 26.94 27.02
C TYR C 293 -16.99 27.18 27.60
N SER C 294 -17.36 28.46 27.61
CA SER C 294 -18.60 28.89 28.24
C SER C 294 -19.65 29.10 27.15
N LEU C 295 -20.76 28.37 27.20
CA LEU C 295 -21.84 28.49 26.21
C LEU C 295 -23.15 28.47 27.01
N PRO C 296 -23.69 29.65 27.39
CA PRO C 296 -24.98 29.72 28.08
C PRO C 296 -26.09 29.30 27.11
N SER C 297 -27.21 28.81 27.66
CA SER C 297 -28.44 28.68 26.87
C SER C 297 -29.52 29.53 27.51
N GLN C 298 -30.31 30.21 26.64
CA GLN C 298 -31.51 30.90 27.05
C GLN C 298 -32.56 29.86 27.44
N ILE C 299 -33.26 30.04 28.57
CA ILE C 299 -34.28 29.10 29.00
C ILE C 299 -35.64 29.61 28.51
N LEU C 300 -36.29 28.85 27.63
CA LEU C 300 -37.38 29.44 26.86
C LEU C 300 -38.66 29.29 27.67
N GLY C 301 -39.46 30.35 27.71
CA GLY C 301 -40.77 30.31 28.35
C GLY C 301 -40.70 29.81 29.80
N ASN C 302 -39.58 30.14 30.48
CA ASN C 302 -39.43 29.95 31.91
C ASN C 302 -39.29 31.33 32.54
N ASP C 303 -40.23 31.64 33.43
CA ASP C 303 -40.40 32.96 34.02
C ASP C 303 -39.60 33.06 35.32
N LYS C 304 -39.02 31.95 35.78
CA LYS C 304 -38.27 31.92 37.03
CA LYS C 304 -38.27 31.92 37.03
C LYS C 304 -36.76 32.09 36.76
N TYR C 305 -36.25 31.38 35.74
CA TYR C 305 -34.82 31.46 35.38
C TYR C 305 -34.68 31.90 33.92
N SER C 306 -33.62 32.64 33.58
CA SER C 306 -33.51 33.05 32.19
C SER C 306 -32.33 32.42 31.44
N THR C 307 -31.23 32.10 32.14
CA THR C 307 -30.08 31.52 31.46
CA THR C 307 -30.13 31.47 31.43
C THR C 307 -29.56 30.27 32.19
N LEU C 308 -29.20 29.25 31.43
CA LEU C 308 -28.46 28.11 31.93
C LEU C 308 -26.97 28.37 31.65
N ASN C 309 -26.13 28.42 32.68
CA ASN C 309 -24.73 28.73 32.48
CA ASN C 309 -24.71 28.75 32.50
C ASN C 309 -23.95 27.43 32.40
N ALA C 310 -23.44 27.11 31.22
CA ALA C 310 -22.91 25.76 30.99
C ALA C 310 -21.44 25.83 30.54
N ALA C 311 -20.63 24.89 31.04
CA ALA C 311 -19.25 24.72 30.60
C ALA C 311 -19.23 23.49 29.72
N TYR C 312 -18.46 23.57 28.62
CA TYR C 312 -18.35 22.47 27.68
C TYR C 312 -16.88 22.07 27.67
N SER C 313 -16.62 20.79 27.98
CA SER C 313 -15.28 20.21 27.88
C SER C 313 -14.63 20.48 26.51
N PHE C 314 -13.34 20.88 26.53
CA PHE C 314 -12.65 21.29 25.31
C PHE C 314 -11.53 20.28 25.13
N TYR C 315 -10.32 20.60 25.62
CA TYR C 315 -9.22 19.65 25.54
C TYR C 315 -8.60 19.42 26.93
N ASN C 316 -8.42 18.15 27.31
CA ASN C 316 -7.89 17.80 28.62
C ASN C 316 -6.83 16.70 28.44
N VAL C 317 -5.65 16.88 29.08
CA VAL C 317 -4.54 15.95 28.95
C VAL C 317 -3.89 15.82 30.33
N THR C 318 -3.61 14.57 30.74
CA THR C 318 -2.86 14.37 32.00
C THR C 318 -1.72 13.39 31.77
N THR C 319 -0.55 13.75 32.31
CA THR C 319 0.62 12.86 32.36
C THR C 319 1.07 12.57 33.80
N THR C 320 0.46 13.24 34.79
CA THR C 320 0.83 13.07 36.19
C THR C 320 -0.28 12.48 37.06
N ALA C 321 -1.47 12.29 36.50
CA ALA C 321 -2.63 11.82 37.25
C ALA C 321 -3.44 10.87 36.38
N THR C 322 -4.55 10.37 36.93
CA THR C 322 -5.47 9.59 36.12
C THR C 322 -6.40 10.54 35.38
N PHE C 323 -6.95 10.05 34.27
CA PHE C 323 -7.89 10.88 33.52
C PHE C 323 -9.10 11.20 34.39
N LYS C 324 -9.56 10.23 35.20
CA LYS C 324 -10.66 10.46 36.13
C LYS C 324 -10.37 11.61 37.11
N GLN C 325 -9.16 11.62 37.69
CA GLN C 325 -8.75 12.70 38.60
C GLN C 325 -8.76 14.04 37.86
N LEU C 326 -8.24 14.06 36.63
CA LEU C 326 -8.15 15.30 35.87
C LEU C 326 -9.54 15.87 35.60
N MET C 327 -10.46 15.01 35.13
CA MET C 327 -11.82 15.48 34.80
C MET C 327 -12.59 15.80 36.08
N GLN C 328 -12.21 15.17 37.20
CA GLN C 328 -12.84 15.55 38.46
C GLN C 328 -12.44 17.00 38.79
N ASP C 329 -11.16 17.30 38.62
CA ASP C 329 -10.69 18.67 38.78
C ASP C 329 -11.31 19.63 37.75
N ALA C 330 -11.59 19.17 36.52
CA ALA C 330 -12.23 20.06 35.56
C ALA C 330 -13.64 20.47 36.03
N ILE C 331 -14.37 19.48 36.57
CA ILE C 331 -15.68 19.70 37.17
C ILE C 331 -15.61 20.70 38.33
N LEU C 332 -14.61 20.55 39.22
CA LEU C 332 -14.49 21.44 40.36
C LEU C 332 -14.18 22.86 39.84
N LEU C 333 -13.30 22.94 38.82
CA LEU C 333 -12.95 24.27 38.31
C LEU C 333 -14.17 24.94 37.66
N ALA C 334 -15.02 24.15 37.00
CA ALA C 334 -16.25 24.69 36.46
C ALA C 334 -17.16 25.18 37.60
N LYS C 335 -17.22 24.40 38.67
CA LYS C 335 -18.08 24.77 39.79
C LYS C 335 -17.56 26.05 40.42
N ARG C 336 -16.23 26.17 40.56
CA ARG C 336 -15.62 27.36 41.14
C ARG C 336 -15.94 28.61 40.32
N ASN C 337 -16.16 28.42 39.01
CA ASN C 337 -16.39 29.51 38.08
C ASN C 337 -17.88 29.72 37.81
N ASN C 338 -18.73 29.09 38.62
N ASN C 338 -18.75 29.13 38.64
CA ASN C 338 -20.14 29.42 38.74
CA ASN C 338 -20.15 29.48 38.73
C ASN C 338 -20.99 28.83 37.62
C ASN C 338 -21.00 28.81 37.64
N PHE C 339 -20.49 27.77 36.99
CA PHE C 339 -21.27 27.05 35.98
C PHE C 339 -22.31 26.13 36.63
N ASP C 340 -23.47 25.98 35.95
CA ASP C 340 -24.57 25.16 36.47
C ASP C 340 -24.39 23.70 36.09
N VAL C 341 -23.64 23.42 35.02
CA VAL C 341 -23.59 22.10 34.40
C VAL C 341 -22.27 22.01 33.63
N PHE C 342 -21.76 20.78 33.51
CA PHE C 342 -20.54 20.52 32.76
C PHE C 342 -20.87 19.49 31.68
N ASN C 343 -20.66 19.84 30.40
CA ASN C 343 -21.10 19.05 29.26
C ASN C 343 -19.90 18.45 28.54
N ALA C 344 -19.98 17.17 28.19
CA ALA C 344 -18.87 16.54 27.47
C ALA C 344 -19.40 15.57 26.41
N LEU C 345 -18.62 15.35 25.35
CA LEU C 345 -18.95 14.36 24.32
C LEU C 345 -18.11 13.12 24.58
N GLU C 346 -18.54 11.97 24.02
N GLU C 346 -18.55 11.97 24.06
CA GLU C 346 -17.80 10.71 24.13
CA GLU C 346 -17.78 10.74 24.20
C GLU C 346 -16.60 10.66 23.18
C GLU C 346 -16.63 10.67 23.19
N VAL C 347 -15.81 11.72 23.14
CA VAL C 347 -14.63 11.76 22.28
C VAL C 347 -13.36 11.60 23.13
N MET C 348 -12.21 11.42 22.47
CA MET C 348 -10.91 11.23 23.13
C MET C 348 -11.09 10.24 24.30
N GLN C 349 -10.66 10.57 25.54
CA GLN C 349 -10.74 9.60 26.64
C GLN C 349 -12.00 9.74 27.50
N ASN C 350 -12.95 10.61 27.09
CA ASN C 350 -14.03 11.05 27.96
C ASN C 350 -14.94 9.90 28.40
N LYS C 351 -15.25 8.96 27.49
CA LYS C 351 -16.29 8.01 27.87
C LYS C 351 -15.90 7.25 29.14
N SER C 352 -14.60 6.97 29.28
CA SER C 352 -14.05 6.18 30.36
C SER C 352 -14.35 6.77 31.74
N VAL C 353 -14.74 8.06 31.87
CA VAL C 353 -14.89 8.69 33.19
C VAL C 353 -16.35 8.97 33.56
N PHE C 354 -17.27 8.76 32.59
CA PHE C 354 -18.62 9.26 32.74
C PHE C 354 -19.36 8.58 33.89
N GLU C 355 -19.17 7.27 34.04
CA GLU C 355 -19.89 6.51 35.06
C GLU C 355 -19.46 7.01 36.46
N ASP C 356 -18.14 7.05 36.70
CA ASP C 356 -17.55 7.33 38.01
C ASP C 356 -17.76 8.78 38.39
N LEU C 357 -17.78 9.69 37.39
CA LEU C 357 -17.95 11.09 37.70
C LEU C 357 -19.42 11.52 37.60
N LYS C 358 -20.34 10.55 37.51
CA LYS C 358 -21.77 10.79 37.71
CA LYS C 358 -21.77 10.77 37.69
C LYS C 358 -22.33 11.67 36.59
N PHE C 359 -21.81 11.53 35.37
CA PHE C 359 -22.43 12.13 34.21
C PHE C 359 -23.65 11.30 33.78
N GLY C 360 -24.77 11.96 33.45
CA GLY C 360 -25.88 11.25 32.81
C GLY C 360 -25.84 11.39 31.29
N GLU C 361 -26.16 10.30 30.57
CA GLU C 361 -26.35 10.27 29.11
C GLU C 361 -27.39 11.30 28.71
N GLY C 362 -27.09 12.09 27.65
CA GLY C 362 -28.06 13.03 27.10
C GLY C 362 -29.07 12.31 26.20
N ASP C 363 -29.80 13.11 25.39
N ASP C 363 -29.88 13.06 25.42
CA ASP C 363 -30.91 12.61 24.59
CA ASP C 363 -30.86 12.38 24.59
C ASP C 363 -30.49 12.38 23.14
C ASP C 363 -30.47 12.34 23.12
N GLY C 364 -29.25 12.74 22.79
CA GLY C 364 -28.86 12.70 21.40
C GLY C 364 -27.34 12.73 21.21
N SER C 365 -26.97 13.06 19.98
CA SER C 365 -25.56 13.00 19.57
C SER C 365 -25.21 14.14 18.61
N LEU C 366 -23.89 14.39 18.53
CA LEU C 366 -23.29 15.35 17.58
C LEU C 366 -22.56 14.52 16.53
N LYS C 367 -22.96 14.72 15.27
CA LYS C 367 -22.36 14.04 14.16
C LYS C 367 -21.20 14.88 13.63
N TYR C 368 -20.10 14.20 13.31
CA TYR C 368 -18.95 14.83 12.67
C TYR C 368 -18.97 14.49 11.17
N TYR C 369 -18.75 15.51 10.34
CA TYR C 369 -18.79 15.39 8.87
C TYR C 369 -17.58 16.02 8.20
N LEU C 370 -17.19 15.42 7.06
CA LEU C 370 -16.21 16.05 6.17
C LEU C 370 -16.92 16.31 4.84
N TYR C 371 -16.52 17.40 4.18
CA TYR C 371 -16.98 17.69 2.82
C TYR C 371 -15.86 17.37 1.85
N ASN C 372 -16.20 16.62 0.78
CA ASN C 372 -15.26 16.28 -0.30
C ASN C 372 -14.12 15.43 0.23
N TRP C 373 -14.46 14.47 1.11
CA TRP C 373 -13.49 13.54 1.64
C TRP C 373 -14.19 12.20 1.83
N LYS C 374 -13.52 11.17 1.32
CA LYS C 374 -13.97 9.79 1.48
CA LYS C 374 -14.02 9.83 1.58
C LYS C 374 -12.98 9.04 2.38
N CYS C 375 -13.50 8.36 3.41
CA CYS C 375 -12.70 7.59 4.36
C CYS C 375 -13.64 6.73 5.17
N ALA C 376 -13.11 5.70 5.83
CA ALA C 376 -13.91 4.86 6.70
C ALA C 376 -14.33 5.68 7.93
N SER C 377 -15.58 5.45 8.37
CA SER C 377 -16.09 6.03 9.60
C SER C 377 -15.36 5.37 10.78
N PHE C 378 -15.58 5.92 11.98
CA PHE C 378 -14.88 5.42 13.17
C PHE C 378 -15.65 5.76 14.44
N ALA C 379 -15.39 4.95 15.48
CA ALA C 379 -15.91 5.18 16.82
C ALA C 379 -15.43 6.53 17.35
N PRO C 380 -16.24 7.23 18.18
CA PRO C 380 -15.89 8.58 18.67
C PRO C 380 -14.69 8.67 19.60
N ALA C 381 -14.28 7.55 20.23
CA ALA C 381 -13.04 7.52 21.01
C ALA C 381 -11.86 7.89 20.12
N HIS C 382 -12.00 7.74 18.79
CA HIS C 382 -10.95 8.06 17.83
C HIS C 382 -11.04 9.52 17.32
N VAL C 383 -12.05 10.27 17.76
CA VAL C 383 -12.16 11.69 17.43
C VAL C 383 -11.30 12.50 18.43
N GLY C 384 -10.49 13.42 17.91
CA GLY C 384 -9.61 14.25 18.68
C GLY C 384 -9.83 15.73 18.40
N ILE C 385 -11.08 16.12 18.12
CA ILE C 385 -11.36 17.55 17.87
C ILE C 385 -12.73 17.88 18.45
N VAL C 386 -12.87 19.10 19.01
CA VAL C 386 -14.15 19.59 19.48
C VAL C 386 -14.39 20.92 18.77
N LEU C 387 -15.57 21.02 18.09
CA LEU C 387 -15.95 22.26 17.46
C LEU C 387 -16.83 23.06 18.40
N LEU C 388 -16.74 24.39 18.33
CA LEU C 388 -17.46 25.19 19.30
C LEU C 388 -18.98 25.15 19.07
#